data_8B27
#
_entry.id   8B27
#
_cell.length_a   61.019
_cell.length_b   114.015
_cell.length_c   143.357
_cell.angle_alpha   90.000
_cell.angle_beta   90.000
_cell.angle_gamma   90.000
#
_symmetry.space_group_name_H-M   'P 21 21 21'
#
loop_
_entity.id
_entity.type
_entity.pdbx_description
1 polymer 'Dehydroprecondylocarpine acetate synthase'
2 non-polymer 'SULFATE ION'
3 water water
#
_entity_poly.entity_id   1
_entity_poly.type   'polypeptide(L)'
_entity_poly.pdbx_seq_one_letter_code
;MAGKSAEEEHPIKAYGWAVKDRTTGILSPFKFSRRATGDDDVRIKILYCGICHTDLASIKNEYEFLSYPLVPGMEIVGIA
TEVGKDVTKVKVGEKVALSAYLGCCGKCYSCVNELENYCPEVIIGYGTPYHDGTICYGGLSNETVANQSFVLRFPERLSP
AGGAPLLSAGITSFSAMRNSGIDKPGLHVGVVGLGGLGHLAVKFAKAFGLKVTVISTTPSKKDDAINGLGADGFLLSRDD
EQMKAAIGTLDAIIDTLAVVHPIAPLLDLLRSQGKFLLLGAPSQSLELPPIPLLSGGKSIIGSAAGNVKQTQEMLDFAAE
HDITANVEIIPIEYINTAMERLDKGDVRYRFVVDIENTLTPPSEL
;
_entity_poly.pdbx_strand_id   A,B
#
# COMPACT_ATOMS: atom_id res chain seq x y z
N ILE A 12 25.26 -14.87 -20.03
CA ILE A 12 25.53 -13.83 -21.00
C ILE A 12 24.33 -13.58 -21.90
N LYS A 13 23.55 -14.63 -22.16
CA LYS A 13 22.37 -14.52 -23.00
C LYS A 13 21.18 -13.94 -22.23
N ALA A 14 20.27 -13.30 -22.97
CA ALA A 14 19.08 -12.73 -22.38
C ALA A 14 17.98 -12.65 -23.44
N TYR A 15 16.77 -12.33 -23.00
CA TYR A 15 15.66 -12.13 -23.92
C TYR A 15 14.69 -11.12 -23.34
N GLY A 16 13.87 -10.55 -24.22
CA GLY A 16 12.88 -9.58 -23.81
C GLY A 16 11.85 -9.27 -24.88
N TRP A 17 11.35 -8.04 -24.88
CA TRP A 17 10.47 -7.52 -25.91
C TRP A 17 11.09 -6.25 -26.47
N ALA A 18 11.09 -6.11 -27.80
CA ALA A 18 11.76 -4.98 -28.44
C ALA A 18 10.90 -4.36 -29.52
N VAL A 19 11.13 -3.07 -29.78
CA VAL A 19 10.61 -2.39 -30.95
C VAL A 19 11.64 -2.57 -32.06
N LYS A 20 11.32 -3.41 -33.04
CA LYS A 20 12.28 -3.66 -34.11
C LYS A 20 12.21 -2.60 -35.20
N ASP A 21 11.09 -1.90 -35.35
CA ASP A 21 10.91 -0.86 -36.37
C ASP A 21 10.53 0.44 -35.67
N ARG A 22 11.45 1.40 -35.66
CA ARG A 22 11.18 2.70 -35.05
C ARG A 22 9.89 3.33 -35.58
N THR A 23 9.53 3.08 -36.84
CA THR A 23 8.33 3.68 -37.40
C THR A 23 7.06 3.04 -36.85
N THR A 24 7.10 1.73 -36.56
CA THR A 24 5.91 1.08 -36.04
C THR A 24 5.74 1.26 -34.53
N GLY A 25 6.83 1.14 -33.77
CA GLY A 25 6.71 1.19 -32.33
C GLY A 25 6.10 -0.03 -31.71
N ILE A 26 5.88 -1.08 -32.50
CA ILE A 26 5.29 -2.33 -32.01
C ILE A 26 6.36 -3.16 -31.34
N LEU A 27 6.05 -3.71 -30.16
CA LEU A 27 6.96 -4.56 -29.44
C LEU A 27 6.75 -6.02 -29.84
N SER A 28 7.84 -6.76 -29.95
CA SER A 28 7.79 -8.17 -30.28
C SER A 28 8.94 -8.87 -29.58
N PRO A 29 8.87 -10.20 -29.40
CA PRO A 29 9.95 -10.91 -28.71
C PRO A 29 11.30 -10.71 -29.38
N PHE A 30 12.34 -10.57 -28.55
CA PHE A 30 13.70 -10.40 -29.04
C PHE A 30 14.65 -11.09 -28.07
N LYS A 31 15.60 -11.85 -28.60
CA LYS A 31 16.66 -12.45 -27.81
C LYS A 31 17.96 -11.70 -28.05
N PHE A 32 18.78 -11.57 -27.00
CA PHE A 32 20.04 -10.86 -27.09
C PHE A 32 21.00 -11.43 -26.04
N SER A 33 22.15 -10.79 -25.87
CA SER A 33 23.15 -11.24 -24.91
C SER A 33 23.61 -10.06 -24.05
N ARG A 34 23.89 -10.36 -22.78
CA ARG A 34 24.28 -9.37 -21.78
C ARG A 34 25.71 -9.64 -21.30
N ARG A 35 26.33 -8.59 -20.77
CA ARG A 35 27.67 -8.70 -20.23
C ARG A 35 27.68 -9.68 -19.06
N ALA A 36 28.82 -10.35 -18.88
CA ALA A 36 28.97 -11.26 -17.74
C ALA A 36 29.17 -10.46 -16.46
N THR A 37 28.82 -11.09 -15.34
CA THR A 37 28.91 -10.42 -14.04
C THR A 37 30.35 -10.09 -13.72
N GLY A 38 30.69 -8.80 -13.70
CA GLY A 38 32.00 -8.37 -13.30
C GLY A 38 32.18 -8.42 -11.79
N ASP A 39 33.31 -7.89 -11.34
CA ASP A 39 33.64 -7.93 -9.93
C ASP A 39 32.81 -6.95 -9.11
N ASP A 40 32.24 -5.92 -9.74
CA ASP A 40 31.43 -4.93 -9.06
C ASP A 40 29.98 -4.95 -9.52
N ASP A 41 29.59 -5.93 -10.34
CA ASP A 41 28.26 -5.95 -10.92
C ASP A 41 27.32 -6.80 -10.07
N VAL A 42 26.03 -6.63 -10.30
CA VAL A 42 25.01 -7.37 -9.55
C VAL A 42 24.05 -8.01 -10.54
N ARG A 43 23.80 -9.31 -10.34
CA ARG A 43 22.80 -10.04 -11.10
C ARG A 43 21.41 -9.74 -10.58
N ILE A 44 20.49 -9.38 -11.49
CA ILE A 44 19.15 -8.92 -11.15
C ILE A 44 18.17 -9.78 -11.94
N LYS A 45 17.43 -10.64 -11.26
CA LYS A 45 16.28 -11.31 -11.87
C LYS A 45 15.11 -10.34 -11.87
N ILE A 46 14.61 -9.99 -13.05
CA ILE A 46 13.54 -8.99 -13.15
C ILE A 46 12.21 -9.68 -12.87
N LEU A 47 11.48 -9.20 -11.86
CA LEU A 47 10.10 -9.63 -11.65
C LEU A 47 9.09 -8.65 -12.25
N TYR A 48 9.28 -7.34 -12.04
CA TYR A 48 8.32 -6.35 -12.52
C TYR A 48 9.06 -5.15 -13.10
N CYS A 49 8.50 -4.59 -14.19
CA CYS A 49 8.99 -3.36 -14.78
C CYS A 49 7.83 -2.42 -14.99
N GLY A 50 7.91 -1.22 -14.41
CA GLY A 50 6.89 -0.22 -14.65
C GLY A 50 7.04 0.44 -16.01
N ILE A 51 5.91 0.88 -16.55
CA ILE A 51 5.87 1.57 -17.84
C ILE A 51 5.60 3.04 -17.58
N CYS A 52 6.56 3.89 -17.92
CA CYS A 52 6.48 5.34 -17.75
C CYS A 52 6.29 6.00 -19.11
N HIS A 53 6.13 7.33 -19.07
CA HIS A 53 5.92 8.08 -20.30
C HIS A 53 7.15 8.03 -21.22
N THR A 54 8.35 8.05 -20.64
CA THR A 54 9.56 7.96 -21.46
C THR A 54 9.55 6.71 -22.33
N ASP A 55 9.03 5.59 -21.80
CA ASP A 55 8.91 4.39 -22.61
C ASP A 55 7.92 4.60 -23.75
N LEU A 56 6.76 5.20 -23.45
CA LEU A 56 5.78 5.46 -24.50
C LEU A 56 6.35 6.41 -25.55
N ALA A 57 7.08 7.43 -25.11
CA ALA A 57 7.64 8.40 -26.04
C ALA A 57 8.67 7.74 -26.95
N SER A 58 9.56 6.92 -26.37
CA SER A 58 10.53 6.19 -27.16
C SER A 58 9.85 5.28 -28.18
N ILE A 59 8.71 4.70 -27.82
CA ILE A 59 7.96 3.87 -28.76
C ILE A 59 7.29 4.75 -29.82
N LYS A 60 6.96 5.99 -29.47
CA LYS A 60 6.35 6.94 -30.38
C LYS A 60 7.37 7.62 -31.31
N ASN A 61 8.62 7.15 -31.31
CA ASN A 61 9.65 7.64 -32.22
C ASN A 61 9.93 9.13 -31.99
N GLU A 62 10.13 9.49 -30.72
CA GLU A 62 10.41 10.87 -30.32
C GLU A 62 11.85 11.07 -29.85
N TYR A 63 12.65 10.01 -29.77
CA TYR A 63 14.04 10.10 -29.34
C TYR A 63 14.93 9.66 -30.50
N GLU A 64 15.68 10.60 -31.07
CA GLU A 64 16.47 10.33 -32.26
C GLU A 64 17.72 9.51 -31.95
N PHE A 65 18.24 9.61 -30.73
CA PHE A 65 19.46 8.92 -30.33
C PHE A 65 19.24 7.45 -29.97
N LEU A 66 18.08 6.90 -30.31
CA LEU A 66 17.73 5.54 -29.96
C LEU A 66 18.43 4.52 -30.86
N SER A 67 18.77 3.39 -30.26
CA SER A 67 19.38 2.27 -30.97
C SER A 67 18.28 1.42 -31.57
N TYR A 68 18.57 0.81 -32.73
CA TYR A 68 17.57 0.14 -33.55
C TYR A 68 16.68 -0.82 -32.77
N PRO A 69 17.21 -1.88 -32.16
CA PRO A 69 16.37 -2.63 -31.20
C PRO A 69 16.24 -1.85 -29.90
N LEU A 70 14.99 -1.57 -29.51
CA LEU A 70 14.71 -0.80 -28.30
C LEU A 70 13.99 -1.68 -27.29
N VAL A 71 14.62 -1.90 -26.14
CA VAL A 71 13.97 -2.55 -25.00
C VAL A 71 13.66 -1.46 -23.95
N PRO A 72 12.41 -1.04 -23.80
CA PRO A 72 12.07 0.04 -22.88
C PRO A 72 11.90 -0.45 -21.46
N GLY A 73 11.53 0.46 -20.58
CA GLY A 73 11.25 0.14 -19.20
C GLY A 73 12.37 0.58 -18.28
N MET A 74 12.03 1.42 -17.30
CA MET A 74 13.00 2.05 -16.42
C MET A 74 12.76 1.81 -14.95
N GLU A 75 11.56 1.38 -14.57
CA GLU A 75 11.17 1.18 -13.17
C GLU A 75 11.26 -0.31 -12.89
N ILE A 76 12.46 -0.76 -12.53
CA ILE A 76 12.81 -2.18 -12.49
C ILE A 76 12.95 -2.57 -11.03
N VAL A 77 12.17 -3.55 -10.62
CA VAL A 77 12.33 -4.18 -9.31
C VAL A 77 12.65 -5.64 -9.56
N GLY A 78 13.65 -6.14 -8.86
CA GLY A 78 14.08 -7.49 -9.12
C GLY A 78 14.71 -8.15 -7.92
N ILE A 79 15.31 -9.31 -8.13
CA ILE A 79 15.95 -10.07 -7.07
C ILE A 79 17.42 -10.23 -7.43
N ALA A 80 18.30 -9.87 -6.50
CA ALA A 80 19.71 -10.16 -6.68
C ALA A 80 19.92 -11.67 -6.63
N THR A 81 20.51 -12.24 -7.67
CA THR A 81 20.76 -13.67 -7.70
C THR A 81 22.22 -14.04 -7.88
N GLU A 82 23.09 -13.06 -8.15
CA GLU A 82 24.53 -13.27 -8.21
C GLU A 82 25.21 -11.93 -8.04
N VAL A 83 26.35 -11.92 -7.33
CA VAL A 83 27.10 -10.70 -7.08
C VAL A 83 28.57 -10.96 -7.32
N GLY A 84 29.27 -9.94 -7.80
CA GLY A 84 30.70 -10.02 -7.96
C GLY A 84 31.42 -10.05 -6.63
N LYS A 85 32.73 -10.32 -6.70
CA LYS A 85 33.51 -10.52 -5.49
C LYS A 85 33.66 -9.22 -4.70
N ASP A 86 33.65 -8.08 -5.37
CA ASP A 86 33.80 -6.80 -4.69
C ASP A 86 32.47 -6.20 -4.23
N VAL A 87 31.36 -6.87 -4.49
CA VAL A 87 30.05 -6.35 -4.11
C VAL A 87 29.80 -6.71 -2.64
N THR A 88 29.65 -5.69 -1.80
CA THR A 88 29.45 -5.88 -0.37
C THR A 88 28.05 -5.50 0.11
N LYS A 89 27.47 -4.40 -0.38
CA LYS A 89 26.18 -3.96 0.11
C LYS A 89 25.07 -4.95 -0.26
N VAL A 90 25.02 -5.36 -1.51
CA VAL A 90 23.96 -6.23 -2.02
C VAL A 90 24.36 -7.69 -1.81
N LYS A 91 23.38 -8.51 -1.43
CA LYS A 91 23.56 -9.95 -1.29
C LYS A 91 22.62 -10.68 -2.23
N VAL A 92 23.07 -11.85 -2.71
CA VAL A 92 22.25 -12.70 -3.55
C VAL A 92 20.97 -13.08 -2.81
N GLY A 93 19.86 -13.09 -3.54
CA GLY A 93 18.57 -13.39 -2.95
C GLY A 93 17.82 -12.17 -2.46
N GLU A 94 18.46 -11.01 -2.40
CA GLU A 94 17.83 -9.81 -1.89
C GLU A 94 16.91 -9.19 -2.94
N LYS A 95 15.75 -8.74 -2.49
CA LYS A 95 14.85 -7.98 -3.34
C LYS A 95 15.42 -6.59 -3.55
N VAL A 96 15.71 -6.23 -4.80
CA VAL A 96 16.39 -4.99 -5.12
C VAL A 96 15.65 -4.28 -6.24
N ALA A 97 15.99 -3.00 -6.42
CA ALA A 97 15.44 -2.19 -7.49
C ALA A 97 16.55 -1.33 -8.08
N LEU A 98 16.39 -0.97 -9.36
CA LEU A 98 17.38 -0.19 -10.07
C LEU A 98 16.87 1.22 -10.29
N SER A 99 17.62 2.21 -9.81
CA SER A 99 17.46 3.58 -10.26
C SER A 99 17.96 3.70 -11.69
N ALA A 100 17.23 4.45 -12.52
CA ALA A 100 17.64 4.67 -13.90
C ALA A 100 18.73 5.76 -13.98
N TYR A 101 19.80 5.51 -13.23
CA TYR A 101 20.97 6.40 -13.17
C TYR A 101 20.59 7.87 -13.04
N CYS A 136 21.92 0.20 -21.52
CA CYS A 136 21.76 -0.16 -22.92
C CYS A 136 20.42 -0.84 -23.15
N TYR A 137 20.16 -1.89 -22.38
CA TYR A 137 18.92 -2.64 -22.46
C TYR A 137 18.10 -2.43 -21.19
N GLY A 138 16.82 -2.07 -21.37
CA GLY A 138 15.97 -1.70 -20.26
C GLY A 138 15.32 -2.88 -19.56
N GLY A 139 14.19 -2.62 -18.91
CA GLY A 139 13.59 -3.57 -18.00
C GLY A 139 12.64 -4.60 -18.56
N LEU A 140 12.23 -4.50 -19.82
CA LEU A 140 11.36 -5.51 -20.41
C LEU A 140 12.21 -6.69 -20.88
N SER A 141 12.93 -7.29 -19.93
CA SER A 141 13.83 -8.41 -20.17
C SER A 141 13.78 -9.36 -18.98
N ASN A 142 14.29 -10.57 -19.17
CA ASN A 142 14.24 -11.57 -18.12
C ASN A 142 15.20 -11.26 -16.98
N GLU A 143 16.29 -10.54 -17.27
CA GLU A 143 17.25 -10.16 -16.24
C GLU A 143 18.12 -9.05 -16.81
N THR A 144 18.85 -8.40 -15.91
CA THR A 144 19.76 -7.32 -16.26
C THR A 144 20.96 -7.40 -15.33
N VAL A 145 21.95 -6.55 -15.58
CA VAL A 145 23.16 -6.46 -14.77
C VAL A 145 23.51 -4.98 -14.66
N ALA A 146 24.00 -4.58 -13.49
CA ALA A 146 24.31 -3.19 -13.23
C ALA A 146 25.39 -3.12 -12.17
N ASN A 147 26.16 -2.03 -12.20
CA ASN A 147 27.13 -1.75 -11.15
C ASN A 147 26.41 -1.70 -9.81
N GLN A 148 27.07 -2.20 -8.77
CA GLN A 148 26.46 -2.28 -7.45
C GLN A 148 26.01 -0.92 -6.94
N SER A 149 26.70 0.15 -7.37
CA SER A 149 26.34 1.49 -6.95
C SER A 149 24.98 1.90 -7.48
N PHE A 150 24.53 1.29 -8.57
CA PHE A 150 23.24 1.62 -9.16
C PHE A 150 22.07 0.82 -8.56
N VAL A 151 22.32 -0.10 -7.64
CA VAL A 151 21.27 -0.91 -7.02
C VAL A 151 20.97 -0.45 -5.61
N LEU A 152 19.66 -0.39 -5.33
CA LEU A 152 19.02 -0.03 -4.07
C LEU A 152 18.33 -1.27 -3.55
N ARG A 153 18.29 -1.39 -2.23
CA ARG A 153 17.53 -2.45 -1.58
C ARG A 153 16.04 -2.07 -1.58
N PHE A 154 15.20 -3.00 -2.03
CA PHE A 154 13.77 -2.74 -2.15
C PHE A 154 13.10 -3.07 -0.82
N PRO A 155 12.52 -2.08 -0.12
CA PRO A 155 12.10 -2.28 1.26
C PRO A 155 11.19 -3.48 1.49
N GLU A 156 11.39 -4.10 2.65
CA GLU A 156 10.60 -5.24 3.12
C GLU A 156 9.10 -5.02 2.97
N ARG A 157 8.60 -3.83 3.31
CA ARG A 157 7.18 -3.61 3.51
C ARG A 157 6.43 -3.22 2.24
N LEU A 158 7.13 -3.01 1.13
CA LEU A 158 6.49 -2.56 -0.10
C LEU A 158 6.29 -3.71 -1.07
N SER A 159 5.14 -3.69 -1.74
CA SER A 159 4.90 -4.63 -2.83
C SER A 159 5.87 -4.34 -3.97
N PRO A 160 6.57 -5.35 -4.51
CA PRO A 160 7.47 -5.09 -5.64
C PRO A 160 6.76 -4.65 -6.89
N ALA A 161 5.49 -5.02 -7.06
CA ALA A 161 4.73 -4.57 -8.22
C ALA A 161 4.27 -3.13 -8.06
N GLY A 162 3.61 -2.82 -6.94
CA GLY A 162 3.18 -1.46 -6.68
C GLY A 162 4.33 -0.50 -6.41
N GLY A 163 5.47 -1.03 -5.99
CA GLY A 163 6.65 -0.25 -5.68
C GLY A 163 7.55 0.04 -6.85
N ALA A 164 7.37 -0.65 -7.97
CA ALA A 164 8.26 -0.43 -9.11
C ALA A 164 8.17 0.98 -9.70
N PRO A 165 6.99 1.57 -9.91
CA PRO A 165 6.95 2.96 -10.41
C PRO A 165 7.56 3.97 -9.45
N LEU A 166 7.95 3.56 -8.25
CA LEU A 166 8.66 4.47 -7.35
C LEU A 166 10.03 4.83 -7.89
N LEU A 167 10.62 3.96 -8.72
CA LEU A 167 12.01 4.14 -9.13
C LEU A 167 12.17 5.20 -10.22
N SER A 168 11.12 5.54 -10.95
CA SER A 168 11.13 6.74 -11.77
C SER A 168 10.15 7.80 -11.32
N ALA A 169 8.86 7.45 -11.18
CA ALA A 169 7.86 8.43 -10.78
C ALA A 169 8.03 8.84 -9.32
N GLY A 170 8.33 7.88 -8.45
CA GLY A 170 8.42 8.19 -7.02
C GLY A 170 9.55 9.15 -6.71
N ILE A 171 10.76 8.83 -7.17
CA ILE A 171 11.91 9.67 -6.86
C ILE A 171 11.77 11.04 -7.48
N THR A 172 11.19 11.12 -8.69
CA THR A 172 10.94 12.41 -9.33
C THR A 172 10.12 13.32 -8.43
N SER A 173 8.97 12.84 -7.95
CA SER A 173 8.15 13.62 -7.04
C SER A 173 8.89 13.91 -5.75
N PHE A 174 9.47 12.87 -5.14
CA PHE A 174 10.16 13.02 -3.87
C PHE A 174 11.31 14.03 -3.96
N SER A 175 12.14 13.91 -5.01
CA SER A 175 13.29 14.80 -5.12
C SER A 175 12.87 16.25 -5.33
N ALA A 176 11.89 16.48 -6.21
CA ALA A 176 11.44 17.84 -6.49
C ALA A 176 10.88 18.51 -5.25
N MET A 177 10.02 17.80 -4.52
CA MET A 177 9.45 18.37 -3.31
C MET A 177 10.51 18.62 -2.24
N ARG A 178 11.45 17.69 -2.07
CA ARG A 178 12.48 17.85 -1.06
C ARG A 178 13.47 18.95 -1.44
N ASN A 179 13.97 18.93 -2.67
CA ASN A 179 14.98 19.90 -3.10
C ASN A 179 14.44 21.32 -3.08
N SER A 180 13.15 21.49 -3.34
CA SER A 180 12.52 22.81 -3.41
C SER A 180 11.88 23.21 -2.10
N GLY A 181 12.04 22.40 -1.06
CA GLY A 181 11.49 22.71 0.24
C GLY A 181 9.98 22.72 0.31
N ILE A 182 9.28 22.17 -0.68
CA ILE A 182 7.86 21.88 -0.50
C ILE A 182 7.80 20.48 0.08
N ASP A 183 8.00 20.40 1.40
CA ASP A 183 7.70 19.21 2.19
C ASP A 183 7.09 19.59 3.53
N LYS A 184 6.63 20.83 3.68
CA LYS A 184 6.33 21.35 5.02
C LYS A 184 4.85 21.24 5.32
N PRO A 185 4.47 20.63 6.43
CA PRO A 185 3.05 20.57 6.80
C PRO A 185 2.42 21.95 6.77
N GLY A 186 1.27 22.06 6.09
CA GLY A 186 0.51 23.28 6.00
C GLY A 186 0.43 23.87 4.61
N LEU A 187 1.49 23.69 3.81
CA LEU A 187 1.53 24.27 2.48
C LEU A 187 0.37 23.74 1.63
N HIS A 188 -0.19 24.62 0.80
CA HIS A 188 -1.19 24.25 -0.19
C HIS A 188 -0.49 24.04 -1.52
N VAL A 189 -0.53 22.81 -2.04
CA VAL A 189 0.14 22.49 -3.29
C VAL A 189 -0.89 22.02 -4.29
N GLY A 190 -0.65 22.35 -5.56
CA GLY A 190 -1.45 21.85 -6.67
C GLY A 190 -0.65 20.88 -7.50
N VAL A 191 -1.26 19.76 -7.87
CA VAL A 191 -0.65 18.76 -8.74
C VAL A 191 -1.37 18.84 -10.07
N VAL A 192 -0.62 19.11 -11.14
CA VAL A 192 -1.19 19.28 -12.47
C VAL A 192 -1.03 17.96 -13.20
N GLY A 193 -2.16 17.31 -13.49
CA GLY A 193 -2.17 16.06 -14.23
C GLY A 193 -2.22 14.86 -13.32
N LEU A 194 -3.34 14.14 -13.32
CA LEU A 194 -3.48 12.94 -12.51
C LEU A 194 -3.17 11.71 -13.36
N GLY A 195 -1.89 11.60 -13.72
CA GLY A 195 -1.40 10.45 -14.44
C GLY A 195 -0.57 9.58 -13.53
N GLY A 196 0.45 8.92 -14.10
CA GLY A 196 1.33 8.09 -13.30
C GLY A 196 2.15 8.89 -12.29
N LEU A 197 2.91 9.85 -12.80
CA LEU A 197 3.71 10.71 -11.93
C LEU A 197 2.84 11.51 -10.98
N GLY A 198 1.73 12.07 -11.48
CA GLY A 198 0.90 12.93 -10.65
C GLY A 198 0.29 12.21 -9.47
N HIS A 199 -0.29 11.03 -9.70
CA HIS A 199 -0.93 10.29 -8.62
C HIS A 199 0.07 9.88 -7.54
N LEU A 200 1.32 9.66 -7.90
CA LEU A 200 2.35 9.42 -6.90
C LEU A 200 2.73 10.72 -6.18
N ALA A 201 2.80 11.82 -6.91
CA ALA A 201 3.06 13.12 -6.29
C ALA A 201 2.03 13.42 -5.20
N VAL A 202 0.77 13.07 -5.44
CA VAL A 202 -0.28 13.29 -4.44
C VAL A 202 0.03 12.51 -3.16
N LYS A 203 0.44 11.25 -3.30
CA LYS A 203 0.67 10.41 -2.13
C LYS A 203 1.87 10.90 -1.33
N PHE A 204 2.96 11.29 -2.01
CA PHE A 204 4.11 11.84 -1.31
C PHE A 204 3.76 13.17 -0.64
N ALA A 205 3.03 14.03 -1.35
CA ALA A 205 2.63 15.31 -0.80
C ALA A 205 1.78 15.14 0.45
N LYS A 206 0.78 14.24 0.39
CA LYS A 206 -0.06 14.02 1.55
C LYS A 206 0.74 13.47 2.73
N ALA A 207 1.69 12.57 2.46
CA ALA A 207 2.51 12.03 3.53
C ALA A 207 3.49 13.06 4.08
N PHE A 208 3.84 14.08 3.28
CA PHE A 208 4.60 15.21 3.79
C PHE A 208 3.76 16.13 4.67
N GLY A 209 2.45 15.97 4.66
CA GLY A 209 1.56 16.84 5.42
C GLY A 209 1.06 18.05 4.67
N LEU A 210 1.17 18.06 3.34
CA LEU A 210 0.70 19.18 2.55
C LEU A 210 -0.81 19.07 2.28
N LYS A 211 -1.42 20.22 2.04
CA LYS A 211 -2.75 20.26 1.45
C LYS A 211 -2.62 20.18 -0.07
N VAL A 212 -3.38 19.28 -0.69
CA VAL A 212 -3.17 18.94 -2.09
C VAL A 212 -4.45 19.20 -2.87
N THR A 213 -4.32 19.98 -3.95
CA THR A 213 -5.37 20.17 -4.93
C THR A 213 -4.92 19.55 -6.25
N VAL A 214 -5.78 18.74 -6.85
CA VAL A 214 -5.47 18.06 -8.11
C VAL A 214 -6.09 18.87 -9.25
N ILE A 215 -5.25 19.27 -10.20
CA ILE A 215 -5.68 20.05 -11.36
C ILE A 215 -5.60 19.12 -12.57
N SER A 216 -6.75 18.80 -13.14
CA SER A 216 -6.84 17.83 -14.22
C SER A 216 -7.90 18.27 -15.22
N THR A 217 -7.94 17.59 -16.37
CA THR A 217 -8.97 17.82 -17.38
C THR A 217 -9.86 16.59 -17.55
N THR A 218 -10.02 15.79 -16.50
CA THR A 218 -10.85 14.58 -16.54
C THR A 218 -11.76 14.61 -15.32
N PRO A 219 -12.98 15.14 -15.46
CA PRO A 219 -13.86 15.27 -14.29
C PRO A 219 -14.22 13.94 -13.63
N SER A 220 -14.17 12.84 -14.39
CA SER A 220 -14.49 11.52 -13.83
C SER A 220 -13.52 11.11 -12.72
N LYS A 221 -12.36 11.76 -12.62
CA LYS A 221 -11.32 11.37 -11.68
C LYS A 221 -11.47 12.03 -10.32
N LYS A 222 -12.54 12.78 -10.08
CA LYS A 222 -12.67 13.52 -8.83
C LYS A 222 -12.64 12.60 -7.61
N ASP A 223 -13.32 11.45 -7.71
CA ASP A 223 -13.40 10.55 -6.55
C ASP A 223 -12.07 9.88 -6.28
N ASP A 224 -11.39 9.41 -7.34
CA ASP A 224 -10.05 8.85 -7.19
C ASP A 224 -9.11 9.84 -6.50
N ALA A 225 -9.10 11.09 -6.99
CA ALA A 225 -8.19 12.09 -6.43
C ALA A 225 -8.48 12.31 -4.95
N ILE A 226 -9.76 12.48 -4.59
CA ILE A 226 -10.10 12.87 -3.24
C ILE A 226 -10.12 11.66 -2.31
N ASN A 227 -10.81 10.60 -2.72
CA ASN A 227 -10.97 9.44 -1.85
C ASN A 227 -9.90 8.38 -2.05
N GLY A 228 -9.50 8.12 -3.29
CA GLY A 228 -8.51 7.09 -3.55
C GLY A 228 -7.08 7.51 -3.27
N LEU A 229 -6.77 8.79 -3.50
CA LEU A 229 -5.40 9.27 -3.33
C LEU A 229 -5.24 10.22 -2.15
N GLY A 230 -6.34 10.72 -1.58
CA GLY A 230 -6.26 11.58 -0.41
C GLY A 230 -6.17 13.06 -0.68
N ALA A 231 -6.36 13.49 -1.92
CA ALA A 231 -6.31 14.92 -2.23
C ALA A 231 -7.41 15.66 -1.47
N ASP A 232 -7.10 16.89 -1.06
CA ASP A 232 -8.02 17.74 -0.33
C ASP A 232 -8.96 18.52 -1.23
N GLY A 233 -8.67 18.60 -2.53
CA GLY A 233 -9.53 19.33 -3.45
C GLY A 233 -9.27 18.90 -4.87
N PHE A 234 -10.23 19.18 -5.73
CA PHE A 234 -10.17 18.81 -7.14
C PHE A 234 -10.60 20.00 -7.98
N LEU A 235 -9.67 20.54 -8.78
CA LEU A 235 -9.90 21.71 -9.60
C LEU A 235 -9.95 21.29 -11.06
N LEU A 236 -11.02 21.68 -11.74
CA LEU A 236 -11.17 21.41 -13.16
C LEU A 236 -10.49 22.52 -13.95
N SER A 237 -9.44 22.16 -14.70
CA SER A 237 -8.68 23.14 -15.45
C SER A 237 -9.56 23.95 -16.39
N ARG A 238 -10.57 23.30 -16.98
CA ARG A 238 -11.42 23.94 -17.98
C ARG A 238 -12.57 24.74 -17.37
N ASP A 239 -12.57 24.95 -16.05
CA ASP A 239 -13.59 25.74 -15.37
C ASP A 239 -12.91 27.05 -14.94
N ASP A 240 -12.94 28.05 -15.82
CA ASP A 240 -12.36 29.35 -15.50
C ASP A 240 -13.01 29.98 -14.27
N GLU A 241 -14.27 29.63 -13.98
CA GLU A 241 -14.94 30.17 -12.80
C GLU A 241 -14.28 29.66 -11.52
N GLN A 242 -14.10 28.34 -11.41
CA GLN A 242 -13.38 27.77 -10.28
C GLN A 242 -11.93 28.21 -10.29
N MET A 243 -11.31 28.21 -11.48
CA MET A 243 -9.92 28.61 -11.64
C MET A 243 -9.70 30.02 -11.09
N LYS A 244 -10.56 30.96 -11.48
CA LYS A 244 -10.44 32.33 -10.98
C LYS A 244 -10.65 32.40 -9.47
N ALA A 245 -11.38 31.46 -8.89
CA ALA A 245 -11.57 31.45 -7.45
C ALA A 245 -10.30 31.01 -6.71
N ALA A 246 -9.47 30.22 -7.37
CA ALA A 246 -8.25 29.69 -6.77
C ALA A 246 -7.01 30.56 -7.06
N ILE A 247 -7.18 31.70 -7.73
CA ILE A 247 -6.04 32.57 -8.02
C ILE A 247 -5.30 32.92 -6.74
N GLY A 248 -3.98 32.79 -6.77
CA GLY A 248 -3.16 33.18 -5.64
C GLY A 248 -3.36 32.36 -4.39
N THR A 249 -3.90 31.16 -4.50
CA THR A 249 -4.16 30.32 -3.34
C THR A 249 -3.07 29.28 -3.07
N LEU A 250 -2.26 28.93 -4.07
CA LEU A 250 -1.34 27.82 -3.96
C LEU A 250 0.05 28.30 -3.57
N ASP A 251 0.67 27.62 -2.61
CA ASP A 251 2.08 27.87 -2.31
C ASP A 251 2.98 27.34 -3.42
N ALA A 252 2.63 26.18 -3.99
CA ALA A 252 3.46 25.57 -5.01
C ALA A 252 2.57 24.78 -5.97
N ILE A 253 3.08 24.58 -7.18
CA ILE A 253 2.42 23.76 -8.20
C ILE A 253 3.41 22.71 -8.68
N ILE A 254 2.93 21.49 -8.86
CA ILE A 254 3.74 20.37 -9.35
C ILE A 254 3.18 19.97 -10.70
N ASP A 255 3.89 20.34 -11.77
CA ASP A 255 3.45 20.10 -13.14
C ASP A 255 4.03 18.79 -13.63
N THR A 256 3.17 17.79 -13.83
CA THR A 256 3.58 16.46 -14.27
C THR A 256 3.29 16.21 -15.75
N LEU A 257 2.72 17.18 -16.45
CA LEU A 257 2.29 16.97 -17.82
C LEU A 257 3.48 16.85 -18.77
N ALA A 258 3.28 16.05 -19.83
CA ALA A 258 4.28 15.85 -20.87
C ALA A 258 3.88 16.48 -22.19
N VAL A 259 2.75 17.18 -22.22
CA VAL A 259 2.31 17.94 -23.38
C VAL A 259 2.66 19.39 -23.13
N VAL A 260 2.60 20.21 -24.19
CA VAL A 260 3.08 21.59 -24.08
C VAL A 260 2.22 22.37 -23.10
N HIS A 261 0.90 22.47 -23.37
CA HIS A 261 -0.12 23.20 -22.61
C HIS A 261 0.29 24.60 -22.15
N PRO A 262 -0.66 25.44 -21.75
CA PRO A 262 -0.28 26.78 -21.26
C PRO A 262 0.01 26.79 -19.76
N ILE A 263 1.09 27.48 -19.39
CA ILE A 263 1.47 27.59 -17.99
C ILE A 263 1.04 28.90 -17.36
N ALA A 264 0.67 29.90 -18.17
CA ALA A 264 0.22 31.18 -17.62
C ALA A 264 -1.00 31.04 -16.71
N PRO A 265 -2.06 30.29 -17.07
CA PRO A 265 -3.17 30.13 -16.12
C PRO A 265 -2.78 29.42 -14.83
N LEU A 266 -1.79 28.53 -14.89
CA LEU A 266 -1.34 27.85 -13.69
C LEU A 266 -0.53 28.78 -12.78
N LEU A 267 0.40 29.55 -13.36
CA LEU A 267 1.18 30.50 -12.58
C LEU A 267 0.28 31.44 -11.77
N ASP A 268 -0.87 31.81 -12.32
CA ASP A 268 -1.77 32.71 -11.60
C ASP A 268 -2.40 32.04 -10.40
N LEU A 269 -2.37 30.71 -10.33
CA LEU A 269 -2.84 30.01 -9.13
C LEU A 269 -1.87 30.09 -7.97
N LEU A 270 -0.64 30.53 -8.22
CA LEU A 270 0.39 30.57 -7.19
C LEU A 270 0.27 31.86 -6.39
N ARG A 271 0.44 31.76 -5.08
CA ARG A 271 0.61 32.93 -4.25
C ARG A 271 1.92 33.63 -4.62
N SER A 272 2.12 34.82 -4.05
CA SER A 272 3.34 35.55 -4.29
C SER A 272 4.53 34.79 -3.69
N GLN A 273 5.60 34.65 -4.49
CA GLN A 273 6.79 33.88 -4.16
C GLN A 273 6.55 32.37 -4.26
N GLY A 274 5.47 31.96 -4.92
CA GLY A 274 5.21 30.55 -5.08
C GLY A 274 6.14 29.89 -6.07
N LYS A 275 6.22 28.57 -5.98
CA LYS A 275 7.15 27.77 -6.77
C LYS A 275 6.39 26.88 -7.76
N PHE A 276 6.81 26.92 -9.02
CA PHE A 276 6.23 26.08 -10.07
C PHE A 276 7.26 25.01 -10.40
N LEU A 277 6.99 23.77 -9.98
CA LEU A 277 7.91 22.66 -10.18
C LEU A 277 7.60 21.97 -11.51
N LEU A 278 8.57 21.98 -12.42
CA LEU A 278 8.45 21.33 -13.72
C LEU A 278 8.99 19.91 -13.62
N LEU A 279 8.11 18.92 -13.67
CA LEU A 279 8.50 17.52 -13.55
C LEU A 279 8.36 16.72 -14.82
N GLY A 280 7.37 17.04 -15.66
CA GLY A 280 7.23 16.38 -16.93
C GLY A 280 8.21 16.93 -17.95
N ALA A 281 8.59 16.07 -18.91
CA ALA A 281 9.53 16.44 -19.96
C ALA A 281 8.78 16.53 -21.29
N PRO A 282 8.19 17.68 -21.61
CA PRO A 282 7.51 17.82 -22.91
C PRO A 282 8.50 17.68 -24.06
N SER A 283 8.01 17.17 -25.19
CA SER A 283 8.84 17.07 -26.37
C SER A 283 9.15 18.45 -26.93
N GLN A 284 8.13 19.28 -27.08
CA GLN A 284 8.34 20.68 -27.41
C GLN A 284 8.71 21.45 -26.15
N SER A 285 9.02 22.73 -26.31
CA SER A 285 9.28 23.63 -25.20
C SER A 285 8.05 24.50 -24.94
N LEU A 286 8.02 25.08 -23.73
CA LEU A 286 6.88 25.85 -23.28
C LEU A 286 7.11 27.35 -23.42
N GLU A 287 6.02 28.11 -23.41
CA GLU A 287 6.05 29.56 -23.60
C GLU A 287 5.96 30.23 -22.23
N LEU A 288 7.09 30.70 -21.74
CA LEU A 288 7.11 31.43 -20.48
C LEU A 288 6.52 32.82 -20.68
N PRO A 289 5.40 33.16 -20.05
CA PRO A 289 4.91 34.53 -20.07
C PRO A 289 5.67 35.39 -19.07
N PRO A 290 6.49 36.33 -19.54
CA PRO A 290 7.31 37.11 -18.59
C PRO A 290 6.48 37.92 -17.60
N ILE A 291 5.37 38.51 -18.02
CA ILE A 291 4.56 39.38 -17.16
C ILE A 291 4.11 38.64 -15.90
N PRO A 292 3.37 37.52 -15.99
CA PRO A 292 2.90 36.86 -14.75
C PRO A 292 4.03 36.41 -13.83
N LEU A 293 5.19 36.03 -14.37
CA LEU A 293 6.25 35.49 -13.52
C LEU A 293 6.92 36.59 -12.71
N LEU A 294 7.48 37.60 -13.38
CA LEU A 294 8.16 38.68 -12.67
C LEU A 294 7.26 39.30 -11.61
N SER A 295 6.06 39.70 -12.00
CA SER A 295 5.09 40.27 -11.06
C SER A 295 4.54 39.12 -10.22
N GLY A 296 5.11 38.93 -9.03
CA GLY A 296 4.69 37.85 -8.16
C GLY A 296 5.84 37.18 -7.42
N GLY A 297 7.07 37.48 -7.83
CA GLY A 297 8.22 36.81 -7.23
C GLY A 297 8.24 35.31 -7.39
N LYS A 298 7.61 34.78 -8.44
CA LYS A 298 7.45 33.35 -8.60
C LYS A 298 8.59 32.76 -9.41
N SER A 299 8.81 31.46 -9.23
CA SER A 299 9.92 30.78 -9.88
C SER A 299 9.50 29.44 -10.46
N ILE A 300 10.11 29.07 -11.58
CA ILE A 300 9.97 27.76 -12.19
C ILE A 300 11.25 26.97 -11.92
N ILE A 301 11.11 25.79 -11.31
CA ILE A 301 12.26 24.99 -10.87
C ILE A 301 12.24 23.64 -11.59
N GLY A 302 13.35 23.32 -12.24
CA GLY A 302 13.50 22.02 -12.88
C GLY A 302 13.77 20.88 -11.90
N SER A 303 13.38 19.67 -12.32
CA SER A 303 13.36 18.49 -11.45
C SER A 303 14.68 17.73 -11.54
N ALA A 304 15.54 17.91 -10.53
CA ALA A 304 16.82 17.20 -10.44
C ALA A 304 16.64 15.82 -9.81
N ALA A 305 15.75 15.02 -10.41
CA ALA A 305 15.32 13.75 -9.83
C ALA A 305 16.39 12.67 -10.06
N GLY A 306 17.46 12.77 -9.28
CA GLY A 306 18.63 11.92 -9.40
C GLY A 306 19.04 11.41 -8.02
N ASN A 307 20.36 11.41 -7.79
CA ASN A 307 20.91 11.24 -6.45
C ASN A 307 20.47 9.92 -5.81
N VAL A 308 20.94 8.82 -6.41
CA VAL A 308 20.55 7.47 -6.02
C VAL A 308 20.55 7.29 -4.50
N LYS A 309 21.45 7.98 -3.80
CA LYS A 309 21.37 8.03 -2.34
C LYS A 309 20.02 8.58 -1.89
N GLN A 310 19.56 9.67 -2.51
CA GLN A 310 18.22 10.19 -2.23
C GLN A 310 17.16 9.17 -2.61
N THR A 311 17.39 8.43 -3.70
CA THR A 311 16.44 7.39 -4.11
C THR A 311 16.23 6.38 -2.99
N GLN A 312 17.30 6.00 -2.30
CA GLN A 312 17.15 5.09 -1.16
C GLN A 312 16.39 5.76 -0.02
N GLU A 313 16.65 7.05 0.22
CA GLU A 313 15.86 7.79 1.21
C GLU A 313 14.38 7.80 0.85
N MET A 314 14.07 7.99 -0.44
CA MET A 314 12.67 7.94 -0.88
C MET A 314 12.06 6.57 -0.60
N LEU A 315 12.81 5.50 -0.92
CA LEU A 315 12.31 4.15 -0.70
C LEU A 315 12.01 3.90 0.77
N ASP A 316 12.91 4.35 1.66
CA ASP A 316 12.67 4.18 3.09
C ASP A 316 11.50 5.04 3.56
N PHE A 317 11.40 6.26 3.02
CA PHE A 317 10.23 7.10 3.29
C PHE A 317 8.95 6.40 2.84
N ALA A 318 8.93 5.92 1.60
CA ALA A 318 7.76 5.22 1.09
C ALA A 318 7.44 3.98 1.94
N ALA A 319 8.47 3.32 2.45
CA ALA A 319 8.25 2.16 3.32
C ALA A 319 7.58 2.58 4.63
N GLU A 320 8.07 3.65 5.25
CA GLU A 320 7.53 4.08 6.53
C GLU A 320 6.07 4.51 6.39
N HIS A 321 5.74 5.19 5.29
CA HIS A 321 4.40 5.70 5.06
C HIS A 321 3.57 4.81 4.14
N ASP A 322 4.06 3.62 3.81
CA ASP A 322 3.33 2.64 3.02
C ASP A 322 2.80 3.23 1.72
N ILE A 323 3.71 3.84 0.96
CA ILE A 323 3.36 4.48 -0.31
C ILE A 323 3.76 3.56 -1.46
N THR A 324 2.79 3.16 -2.26
CA THR A 324 3.03 2.49 -3.54
C THR A 324 2.13 3.12 -4.60
N ALA A 325 2.40 2.78 -5.86
CA ALA A 325 1.56 3.20 -6.95
C ALA A 325 0.32 2.33 -7.05
N ASN A 326 -0.77 2.91 -7.57
CA ASN A 326 -1.94 2.13 -7.98
C ASN A 326 -1.62 1.53 -9.34
N VAL A 327 -1.49 0.20 -9.39
CA VAL A 327 -0.84 -0.44 -10.52
C VAL A 327 -1.83 -1.36 -11.23
N GLU A 328 -1.58 -1.53 -12.54
CA GLU A 328 -2.29 -2.50 -13.38
C GLU A 328 -1.24 -3.49 -13.91
N ILE A 329 -1.21 -4.69 -13.35
CA ILE A 329 -0.20 -5.67 -13.75
C ILE A 329 -0.67 -6.32 -15.04
N ILE A 330 0.20 -6.32 -16.05
CA ILE A 330 -0.17 -6.78 -17.39
C ILE A 330 0.83 -7.81 -17.89
N PRO A 331 0.39 -8.73 -18.76
CA PRO A 331 1.34 -9.63 -19.40
C PRO A 331 2.08 -8.94 -20.55
N ILE A 332 3.32 -9.42 -20.79
CA ILE A 332 4.17 -8.81 -21.81
C ILE A 332 3.49 -8.85 -23.17
N GLU A 333 2.71 -9.91 -23.43
CA GLU A 333 2.02 -9.99 -24.71
C GLU A 333 0.90 -8.98 -24.83
N TYR A 334 0.59 -8.26 -23.75
CA TYR A 334 -0.35 -7.16 -23.75
C TYR A 334 0.32 -5.80 -23.95
N ILE A 335 1.65 -5.78 -24.11
CA ILE A 335 2.40 -4.53 -23.99
C ILE A 335 1.97 -3.53 -25.06
N ASN A 336 1.69 -4.00 -26.28
CA ASN A 336 1.33 -3.07 -27.35
C ASN A 336 -0.06 -2.48 -27.14
N THR A 337 -1.00 -3.28 -26.62
CA THR A 337 -2.31 -2.75 -26.27
C THR A 337 -2.20 -1.73 -25.13
N ALA A 338 -1.35 -2.01 -24.16
CA ALA A 338 -1.12 -1.06 -23.08
C ALA A 338 -0.49 0.22 -23.60
N MET A 339 0.40 0.12 -24.58
CA MET A 339 1.02 1.29 -25.17
C MET A 339 -0.03 2.24 -25.74
N GLU A 340 -1.03 1.69 -26.44
CA GLU A 340 -2.09 2.53 -26.99
C GLU A 340 -3.05 3.01 -25.91
N ARG A 341 -3.31 2.17 -24.91
CA ARG A 341 -4.06 2.62 -23.74
C ARG A 341 -3.32 3.74 -23.01
N LEU A 342 -2.00 3.62 -22.87
CA LEU A 342 -1.23 4.64 -22.19
C LEU A 342 -1.27 5.96 -22.95
N ASP A 343 -1.08 5.91 -24.27
CA ASP A 343 -1.11 7.12 -25.09
C ASP A 343 -2.44 7.85 -24.98
N LYS A 344 -3.52 7.11 -24.74
CA LYS A 344 -4.84 7.71 -24.57
C LYS A 344 -5.19 7.93 -23.10
N GLY A 345 -4.24 7.70 -22.19
CA GLY A 345 -4.50 7.85 -20.77
C GLY A 345 -5.48 6.86 -20.20
N ASP A 346 -5.71 5.74 -20.88
CA ASP A 346 -6.68 4.73 -20.42
C ASP A 346 -5.99 3.72 -19.50
N VAL A 347 -5.60 4.22 -18.32
CA VAL A 347 -5.03 3.38 -17.27
C VAL A 347 -5.29 4.06 -15.95
N ARG A 348 -5.39 3.27 -14.88
CA ARG A 348 -5.52 3.85 -13.55
C ARG A 348 -4.12 3.92 -12.93
N TYR A 349 -3.38 4.85 -13.51
CA TYR A 349 -2.16 5.55 -13.12
C TYR A 349 -0.86 4.75 -13.21
N ARG A 350 -0.87 3.46 -13.54
CA ARG A 350 0.37 2.79 -13.89
C ARG A 350 0.17 1.43 -14.55
N PHE A 351 0.82 1.20 -15.68
CA PHE A 351 1.05 -0.15 -16.19
C PHE A 351 2.33 -0.69 -15.59
N VAL A 352 2.28 -1.91 -15.06
CA VAL A 352 3.48 -2.62 -14.62
C VAL A 352 3.48 -3.99 -15.27
N VAL A 353 4.53 -4.28 -16.03
CA VAL A 353 4.58 -5.52 -16.78
C VAL A 353 5.10 -6.62 -15.85
N ASP A 354 4.41 -7.75 -15.86
CA ASP A 354 4.74 -8.89 -15.01
C ASP A 354 5.86 -9.73 -15.61
N ILE A 355 7.12 -9.36 -15.35
CA ILE A 355 8.22 -10.16 -15.86
C ILE A 355 8.21 -11.53 -15.17
N GLU A 356 7.67 -11.57 -13.95
CA GLU A 356 7.62 -12.79 -13.12
C GLU A 356 7.13 -14.01 -13.89
N ASN A 357 5.92 -13.92 -14.44
CA ASN A 357 5.22 -15.09 -14.96
C ASN A 357 4.86 -15.00 -16.43
N THR A 358 5.29 -13.94 -17.10
CA THR A 358 4.72 -13.60 -18.40
C THR A 358 5.74 -13.55 -19.52
N LEU A 359 7.01 -13.30 -19.23
CA LEU A 359 8.02 -13.36 -20.27
C LEU A 359 8.23 -14.83 -20.60
N THR A 360 7.83 -15.23 -21.78
CA THR A 360 8.18 -16.62 -21.95
C THR A 360 9.43 -16.75 -22.80
N PRO A 361 10.25 -17.76 -22.55
CA PRO A 361 11.50 -17.93 -23.29
C PRO A 361 11.27 -18.48 -24.67
N PRO A 362 11.46 -17.67 -25.72
CA PRO A 362 11.35 -18.21 -27.09
C PRO A 362 12.27 -19.40 -27.31
N SER A 363 13.51 -19.31 -26.86
CA SER A 363 14.50 -20.36 -27.11
C SER A 363 14.93 -21.03 -25.80
N HIS B 10 2.90 -40.44 7.70
CA HIS B 10 1.57 -39.86 7.55
C HIS B 10 1.52 -38.45 8.23
N PRO B 11 1.40 -38.33 9.57
CA PRO B 11 1.38 -36.98 10.15
C PRO B 11 2.73 -36.30 9.99
N ILE B 12 2.70 -34.98 9.76
CA ILE B 12 3.88 -34.20 9.44
C ILE B 12 4.30 -33.40 10.65
N LYS B 13 5.56 -33.52 11.04
CA LYS B 13 6.07 -32.75 12.17
C LYS B 13 6.23 -31.28 11.77
N ALA B 14 6.10 -30.41 12.77
CA ALA B 14 6.16 -28.97 12.55
C ALA B 14 6.72 -28.32 13.80
N TYR B 15 7.01 -27.03 13.69
CA TYR B 15 7.53 -26.28 14.82
C TYR B 15 7.05 -24.84 14.74
N GLY B 16 7.04 -24.19 15.91
CA GLY B 16 6.63 -22.81 16.02
C GLY B 16 6.95 -22.26 17.39
N TRP B 17 6.19 -21.28 17.85
CA TRP B 17 6.30 -20.79 19.21
C TRP B 17 4.94 -20.92 19.88
N ALA B 18 4.94 -21.40 21.13
CA ALA B 18 3.71 -21.69 21.85
C ALA B 18 3.80 -21.16 23.27
N VAL B 19 2.63 -20.92 23.85
CA VAL B 19 2.51 -20.67 25.28
C VAL B 19 2.34 -22.02 25.96
N LYS B 20 3.38 -22.49 26.65
CA LYS B 20 3.31 -23.78 27.31
C LYS B 20 2.64 -23.67 28.68
N ASP B 21 2.71 -22.49 29.30
CA ASP B 21 2.11 -22.23 30.61
C ASP B 21 1.13 -21.07 30.42
N ARG B 22 -0.17 -21.38 30.38
CA ARG B 22 -1.19 -20.35 30.21
C ARG B 22 -1.12 -19.28 31.27
N THR B 23 -0.56 -19.58 32.44
CA THR B 23 -0.53 -18.63 33.53
C THR B 23 0.50 -17.52 33.30
N THR B 24 1.61 -17.82 32.61
CA THR B 24 2.62 -16.80 32.32
C THR B 24 2.41 -16.11 30.98
N GLY B 25 1.89 -16.83 29.98
CA GLY B 25 1.74 -16.26 28.66
C GLY B 25 3.02 -16.10 27.86
N ILE B 26 4.12 -16.71 28.30
CA ILE B 26 5.39 -16.61 27.59
C ILE B 26 5.42 -17.61 26.45
N LEU B 27 5.77 -17.13 25.27
CA LEU B 27 5.95 -18.00 24.11
C LEU B 27 7.41 -18.47 24.05
N SER B 28 7.60 -19.73 23.65
CA SER B 28 8.93 -20.30 23.49
C SER B 28 8.86 -21.33 22.38
N PRO B 29 10.01 -21.75 21.84
CA PRO B 29 10.00 -22.75 20.76
C PRO B 29 9.23 -23.99 21.15
N PHE B 30 8.48 -24.52 20.18
CA PHE B 30 7.59 -25.65 20.41
C PHE B 30 7.56 -26.54 19.18
N LYS B 31 7.66 -27.86 19.39
CA LYS B 31 7.52 -28.83 18.32
C LYS B 31 6.16 -29.51 18.43
N PHE B 32 5.53 -29.76 17.29
CA PHE B 32 4.23 -30.42 17.26
C PHE B 32 4.09 -31.13 15.91
N SER B 33 2.90 -31.68 15.67
CA SER B 33 2.61 -32.39 14.44
C SER B 33 1.25 -31.97 13.91
N ARG B 34 1.14 -31.96 12.57
CA ARG B 34 -0.10 -31.64 11.90
C ARG B 34 -0.57 -32.84 11.10
N ARG B 35 -1.86 -32.88 10.80
CA ARG B 35 -2.42 -33.97 10.01
C ARG B 35 -1.83 -34.00 8.61
N ALA B 36 -1.84 -35.19 8.01
CA ALA B 36 -1.38 -35.31 6.63
C ALA B 36 -2.37 -34.66 5.68
N THR B 37 -1.87 -34.27 4.51
CA THR B 37 -2.69 -33.60 3.51
C THR B 37 -3.77 -34.55 3.00
N GLY B 38 -5.02 -34.24 3.30
CA GLY B 38 -6.14 -34.99 2.77
C GLY B 38 -6.42 -34.63 1.32
N ASP B 39 -7.48 -35.23 0.78
CA ASP B 39 -7.81 -35.03 -0.63
C ASP B 39 -8.29 -33.62 -0.92
N ASP B 40 -8.81 -32.91 0.08
CA ASP B 40 -9.31 -31.54 -0.10
C ASP B 40 -8.44 -30.51 0.61
N ASP B 41 -7.28 -30.91 1.14
CA ASP B 41 -6.48 -30.01 1.96
C ASP B 41 -5.40 -29.32 1.14
N VAL B 42 -4.90 -28.22 1.69
CA VAL B 42 -3.80 -27.47 1.09
C VAL B 42 -2.72 -27.30 2.17
N ARG B 43 -1.52 -27.78 1.89
CA ARG B 43 -0.38 -27.51 2.76
C ARG B 43 0.20 -26.13 2.42
N ILE B 44 0.45 -25.32 3.44
CA ILE B 44 0.85 -23.93 3.28
C ILE B 44 2.13 -23.67 4.06
N LYS B 45 3.20 -23.30 3.36
CA LYS B 45 4.38 -22.77 4.02
C LYS B 45 4.11 -21.31 4.41
N ILE B 46 4.22 -21.01 5.70
CA ILE B 46 3.86 -19.69 6.21
C ILE B 46 5.01 -18.72 5.98
N LEU B 47 4.70 -17.59 5.34
CA LEU B 47 5.65 -16.50 5.17
C LEU B 47 5.51 -15.43 6.26
N TYR B 48 4.28 -14.98 6.51
CA TYR B 48 4.04 -13.91 7.46
C TYR B 48 2.80 -14.22 8.28
N CYS B 49 2.85 -13.87 9.57
CA CYS B 49 1.69 -13.99 10.45
C CYS B 49 1.49 -12.66 11.17
N GLY B 50 0.32 -12.06 10.96
CA GLY B 50 -0.02 -10.87 11.72
C GLY B 50 -0.40 -11.20 13.14
N ILE B 51 -0.18 -10.24 14.04
CA ILE B 51 -0.55 -10.37 15.45
C ILE B 51 -1.73 -9.45 15.72
N CYS B 52 -2.86 -10.03 16.10
CA CYS B 52 -4.08 -9.29 16.39
C CYS B 52 -4.33 -9.26 17.90
N HIS B 53 -5.39 -8.54 18.28
CA HIS B 53 -5.73 -8.43 19.70
C HIS B 53 -6.13 -9.78 20.28
N THR B 54 -6.88 -10.58 19.51
CA THR B 54 -7.25 -11.92 19.98
C THR B 54 -6.01 -12.73 20.37
N ASP B 55 -4.90 -12.54 19.63
CA ASP B 55 -3.65 -13.17 20.01
C ASP B 55 -3.20 -12.70 21.39
N LEU B 56 -3.23 -11.37 21.61
CA LEU B 56 -2.84 -10.82 22.90
C LEU B 56 -3.74 -11.32 24.03
N ALA B 57 -5.04 -11.41 23.77
CA ALA B 57 -5.97 -11.86 24.80
C ALA B 57 -5.70 -13.31 25.18
N SER B 58 -5.46 -14.16 24.18
CA SER B 58 -5.10 -15.55 24.46
C SER B 58 -3.81 -15.64 25.24
N ILE B 59 -2.83 -14.80 24.91
CA ILE B 59 -1.57 -14.79 25.66
C ILE B 59 -1.80 -14.30 27.08
N LYS B 60 -2.74 -13.39 27.28
CA LYS B 60 -3.08 -12.91 28.62
C LYS B 60 -4.05 -13.82 29.35
N ASN B 61 -4.40 -14.97 28.78
CA ASN B 61 -5.23 -15.97 29.45
C ASN B 61 -6.62 -15.42 29.77
N GLU B 62 -7.26 -14.86 28.75
CA GLU B 62 -8.59 -14.27 28.90
C GLU B 62 -9.69 -15.15 28.31
N TYR B 63 -9.34 -16.27 27.68
CA TYR B 63 -10.30 -17.21 27.13
C TYR B 63 -10.12 -18.53 27.88
N GLU B 64 -11.11 -18.87 28.71
CA GLU B 64 -10.95 -20.03 29.58
C GLU B 64 -11.07 -21.33 28.80
N PHE B 65 -11.80 -21.35 27.70
CA PHE B 65 -12.00 -22.56 26.93
C PHE B 65 -10.83 -22.88 25.99
N LEU B 66 -9.72 -22.15 26.09
CA LEU B 66 -8.59 -22.41 25.20
C LEU B 66 -7.76 -23.57 25.72
N SER B 67 -7.31 -24.43 24.80
CA SER B 67 -6.43 -25.53 25.15
C SER B 67 -4.97 -25.12 24.97
N TYR B 68 -4.11 -25.63 25.84
CA TYR B 68 -2.69 -25.31 25.80
C TYR B 68 -1.89 -26.60 25.73
N PRO B 69 -0.69 -26.58 25.13
CA PRO B 69 0.09 -25.45 24.60
C PRO B 69 -0.58 -24.78 23.41
N LEU B 70 -0.58 -23.45 23.42
CA LEU B 70 -1.30 -22.64 22.45
C LEU B 70 -0.32 -21.97 21.51
N VAL B 71 -0.46 -22.25 20.21
CA VAL B 71 0.27 -21.56 19.17
C VAL B 71 -0.67 -20.52 18.58
N PRO B 72 -0.46 -19.23 18.85
CA PRO B 72 -1.38 -18.20 18.38
C PRO B 72 -1.09 -17.78 16.94
N GLY B 73 -1.84 -16.80 16.47
CA GLY B 73 -1.66 -16.25 15.14
C GLY B 73 -2.69 -16.72 14.14
N MET B 74 -3.45 -15.77 13.57
CA MET B 74 -4.55 -16.10 12.69
C MET B 74 -4.53 -15.32 11.38
N GLU B 75 -3.62 -14.37 11.20
CA GLU B 75 -3.53 -13.56 9.98
C GLU B 75 -2.35 -14.12 9.18
N ILE B 76 -2.62 -15.15 8.38
CA ILE B 76 -1.58 -15.98 7.78
C ILE B 76 -1.54 -15.74 6.27
N VAL B 77 -0.36 -15.38 5.76
CA VAL B 77 -0.09 -15.35 4.34
C VAL B 77 1.06 -16.32 4.06
N GLY B 78 0.88 -17.16 3.04
CA GLY B 78 1.88 -18.16 2.73
C GLY B 78 1.90 -18.63 1.29
N ILE B 79 2.61 -19.72 1.03
CA ILE B 79 2.71 -20.33 -0.30
C ILE B 79 2.24 -21.76 -0.20
N ALA B 80 1.32 -22.15 -1.08
CA ALA B 80 0.87 -23.54 -1.16
C ALA B 80 2.01 -24.44 -1.61
N THR B 81 2.27 -25.49 -0.84
CA THR B 81 3.35 -26.42 -1.11
C THR B 81 2.90 -27.84 -1.39
N GLU B 82 1.64 -28.17 -1.11
CA GLU B 82 1.08 -29.47 -1.43
C GLU B 82 -0.43 -29.34 -1.41
N VAL B 83 -1.08 -30.05 -2.33
CA VAL B 83 -2.53 -30.02 -2.45
C VAL B 83 -3.03 -31.45 -2.61
N GLY B 84 -4.21 -31.70 -2.05
CA GLY B 84 -4.86 -32.98 -2.23
C GLY B 84 -5.29 -33.19 -3.67
N LYS B 85 -5.65 -34.44 -3.98
CA LYS B 85 -5.94 -34.78 -5.36
C LYS B 85 -7.21 -34.11 -5.87
N ASP B 86 -8.16 -33.82 -4.98
CA ASP B 86 -9.42 -33.18 -5.36
C ASP B 86 -9.33 -31.67 -5.40
N VAL B 87 -8.18 -31.08 -5.07
CA VAL B 87 -8.02 -29.63 -5.04
C VAL B 87 -7.64 -29.13 -6.42
N THR B 88 -8.49 -28.28 -6.99
CA THR B 88 -8.24 -27.66 -8.31
C THR B 88 -8.03 -26.16 -8.24
N LYS B 89 -8.73 -25.46 -7.33
CA LYS B 89 -8.61 -24.00 -7.27
C LYS B 89 -7.20 -23.57 -6.93
N VAL B 90 -6.59 -24.18 -5.93
CA VAL B 90 -5.25 -23.83 -5.49
C VAL B 90 -4.24 -24.75 -6.18
N LYS B 91 -3.11 -24.19 -6.59
CA LYS B 91 -2.00 -24.96 -7.14
C LYS B 91 -0.74 -24.70 -6.33
N VAL B 92 0.14 -25.71 -6.29
CA VAL B 92 1.41 -25.56 -5.59
C VAL B 92 2.17 -24.36 -6.16
N GLY B 93 2.81 -23.60 -5.26
CA GLY B 93 3.53 -22.41 -5.65
C GLY B 93 2.72 -21.13 -5.61
N GLU B 94 1.41 -21.21 -5.46
CA GLU B 94 0.56 -20.03 -5.45
C GLU B 94 0.60 -19.36 -4.08
N LYS B 95 0.70 -18.03 -4.10
CA LYS B 95 0.61 -17.25 -2.87
C LYS B 95 -0.82 -17.27 -2.36
N VAL B 96 -1.02 -17.72 -1.13
CA VAL B 96 -2.34 -17.95 -0.57
C VAL B 96 -2.42 -17.29 0.81
N ALA B 97 -3.66 -17.15 1.29
CA ALA B 97 -3.93 -16.62 2.60
C ALA B 97 -4.97 -17.49 3.27
N LEU B 98 -4.96 -17.49 4.60
CA LEU B 98 -5.86 -18.32 5.39
C LEU B 98 -6.96 -17.48 6.01
N SER B 99 -8.20 -17.95 5.87
CA SER B 99 -9.29 -17.40 6.65
C SER B 99 -9.06 -17.60 8.13
N ALA B 100 -9.38 -16.57 8.92
CA ALA B 100 -9.23 -16.69 10.36
C ALA B 100 -10.27 -17.61 10.97
N TYR B 101 -11.44 -17.71 10.34
CA TYR B 101 -12.48 -18.61 10.84
C TYR B 101 -11.96 -20.04 10.92
N LEU B 102 -11.58 -20.61 9.79
CA LEU B 102 -11.00 -21.94 9.75
C LEU B 102 -9.97 -22.04 8.62
N CYS B 136 -6.33 -25.81 15.82
CA CYS B 136 -5.63 -26.22 17.04
C CYS B 136 -4.34 -25.42 17.22
N TYR B 137 -3.51 -25.43 16.19
CA TYR B 137 -2.24 -24.70 16.20
C TYR B 137 -2.30 -23.60 15.15
N GLY B 138 -1.96 -22.38 15.55
CA GLY B 138 -2.14 -21.21 14.72
C GLY B 138 -0.96 -20.91 13.82
N GLY B 139 -0.82 -19.62 13.48
CA GLY B 139 0.08 -19.22 12.42
C GLY B 139 1.51 -18.95 12.80
N LEU B 140 1.85 -18.95 14.08
CA LEU B 140 3.24 -18.78 14.51
C LEU B 140 3.99 -20.10 14.40
N SER B 141 4.00 -20.65 13.20
CA SER B 141 4.62 -21.93 12.91
C SER B 141 5.14 -21.92 11.49
N ASN B 142 5.97 -22.92 11.17
CA ASN B 142 6.61 -22.96 9.85
C ASN B 142 5.62 -23.31 8.75
N GLU B 143 4.55 -24.03 9.07
CA GLU B 143 3.56 -24.37 8.05
C GLU B 143 2.27 -24.83 8.72
N THR B 144 1.21 -24.86 7.93
CA THR B 144 -0.09 -25.35 8.37
C THR B 144 -0.78 -26.03 7.20
N VAL B 145 -1.95 -26.61 7.47
CA VAL B 145 -2.76 -27.29 6.47
C VAL B 145 -4.22 -26.93 6.71
N ALA B 146 -4.97 -26.75 5.63
CA ALA B 146 -6.36 -26.36 5.74
C ALA B 146 -7.16 -26.88 4.56
N ASN B 147 -8.45 -27.13 4.80
CA ASN B 147 -9.37 -27.47 3.72
C ASN B 147 -9.35 -26.35 2.67
N GLN B 148 -9.46 -26.75 1.40
CA GLN B 148 -9.34 -25.80 0.30
C GLN B 148 -10.38 -24.68 0.37
N SER B 149 -11.54 -24.94 0.99
CA SER B 149 -12.58 -23.94 1.05
C SER B 149 -12.17 -22.73 1.89
N PHE B 150 -11.28 -22.92 2.85
CA PHE B 150 -10.80 -21.85 3.72
C PHE B 150 -9.59 -21.12 3.18
N VAL B 151 -9.06 -21.54 2.03
CA VAL B 151 -7.82 -21.00 1.49
C VAL B 151 -8.18 -19.96 0.44
N LEU B 152 -7.53 -18.80 0.52
CA LEU B 152 -7.81 -17.68 -0.36
C LEU B 152 -6.60 -17.38 -1.24
N ARG B 153 -6.88 -16.90 -2.45
CA ARG B 153 -5.84 -16.41 -3.33
C ARG B 153 -5.37 -15.04 -2.85
N PHE B 154 -4.06 -14.89 -2.66
CA PHE B 154 -3.52 -13.64 -2.15
C PHE B 154 -3.18 -12.72 -3.29
N PRO B 155 -3.82 -11.55 -3.39
CA PRO B 155 -3.69 -10.72 -4.60
C PRO B 155 -2.24 -10.39 -4.94
N GLU B 156 -1.98 -10.41 -6.25
CA GLU B 156 -0.67 -10.05 -6.80
C GLU B 156 -0.14 -8.72 -6.25
N ARG B 157 -1.01 -7.71 -6.18
CA ARG B 157 -0.56 -6.34 -5.99
C ARG B 157 -0.34 -5.95 -4.54
N LEU B 158 -0.64 -6.81 -3.58
CA LEU B 158 -0.51 -6.46 -2.17
C LEU B 158 0.78 -7.02 -1.62
N SER B 159 1.45 -6.24 -0.78
CA SER B 159 2.60 -6.74 -0.05
C SER B 159 2.16 -7.89 0.84
N PRO B 160 2.88 -9.03 0.84
CA PRO B 160 2.47 -10.13 1.73
C PRO B 160 2.60 -9.80 3.20
N ALA B 161 3.48 -8.86 3.56
CA ALA B 161 3.61 -8.46 4.96
C ALA B 161 2.50 -7.48 5.35
N GLY B 162 2.35 -6.40 4.59
CA GLY B 162 1.29 -5.44 4.87
C GLY B 162 -0.10 -5.96 4.62
N GLY B 163 -0.23 -7.02 3.82
CA GLY B 163 -1.52 -7.58 3.49
C GLY B 163 -2.03 -8.60 4.48
N ALA B 164 -1.14 -9.12 5.33
CA ALA B 164 -1.54 -10.16 6.27
C ALA B 164 -2.57 -9.70 7.30
N PRO B 165 -2.49 -8.51 7.89
CA PRO B 165 -3.56 -8.09 8.82
C PRO B 165 -4.92 -7.90 8.16
N LEU B 166 -5.01 -7.98 6.83
CA LEU B 166 -6.31 -7.89 6.18
C LEU B 166 -7.21 -9.07 6.55
N LEU B 167 -6.61 -10.22 6.90
CA LEU B 167 -7.39 -11.43 7.08
C LEU B 167 -8.14 -11.49 8.41
N SER B 168 -7.75 -10.71 9.42
CA SER B 168 -8.64 -10.52 10.56
C SER B 168 -9.09 -9.08 10.73
N ALA B 169 -8.15 -8.13 10.78
CA ALA B 169 -8.54 -6.73 10.96
C ALA B 169 -9.24 -6.17 9.72
N GLY B 170 -8.73 -6.51 8.53
CA GLY B 170 -9.33 -6.00 7.32
C GLY B 170 -10.75 -6.47 7.12
N ILE B 171 -10.96 -7.79 7.21
CA ILE B 171 -12.29 -8.36 6.96
C ILE B 171 -13.28 -7.87 8.01
N THR B 172 -12.83 -7.72 9.25
CA THR B 172 -13.70 -7.19 10.30
C THR B 172 -14.24 -5.82 9.92
N SER B 173 -13.36 -4.90 9.53
CA SER B 173 -13.81 -3.58 9.10
C SER B 173 -14.66 -3.68 7.84
N PHE B 174 -14.15 -4.39 6.82
CA PHE B 174 -14.84 -4.48 5.54
C PHE B 174 -16.25 -5.07 5.69
N SER B 175 -16.36 -6.20 6.38
CA SER B 175 -17.65 -6.87 6.49
C SER B 175 -18.64 -6.06 7.32
N ALA B 176 -18.17 -5.48 8.44
CA ALA B 176 -19.06 -4.69 9.28
C ALA B 176 -19.64 -3.50 8.53
N MET B 177 -18.79 -2.80 7.77
CA MET B 177 -19.28 -1.68 6.97
C MET B 177 -20.24 -2.14 5.89
N ARG B 178 -19.92 -3.25 5.22
CA ARG B 178 -20.77 -3.76 4.15
C ARG B 178 -22.09 -4.30 4.70
N ASN B 179 -22.02 -5.09 5.77
CA ASN B 179 -23.22 -5.73 6.31
C ASN B 179 -24.23 -4.72 6.85
N SER B 180 -23.76 -3.62 7.44
CA SER B 180 -24.64 -2.64 8.06
C SER B 180 -24.92 -1.47 7.13
N GLY B 181 -24.49 -1.56 5.88
CA GLY B 181 -24.77 -0.52 4.90
C GLY B 181 -24.10 0.80 5.14
N ILE B 182 -23.08 0.87 5.99
CA ILE B 182 -22.21 2.05 6.00
C ILE B 182 -21.11 1.76 5.00
N ASP B 183 -21.44 1.99 3.72
CA ASP B 183 -20.45 2.03 2.65
C ASP B 183 -20.77 3.13 1.65
N LYS B 184 -21.66 4.07 1.99
CA LYS B 184 -22.21 4.93 0.96
C LYS B 184 -21.46 6.24 0.92
N PRO B 185 -20.98 6.66 -0.24
CA PRO B 185 -20.30 7.96 -0.33
C PRO B 185 -21.12 9.06 0.30
N GLY B 186 -20.48 9.84 1.18
CA GLY B 186 -21.10 10.98 1.81
C GLY B 186 -21.29 10.82 3.31
N LEU B 187 -21.58 9.61 3.78
CA LEU B 187 -21.83 9.39 5.20
C LEU B 187 -20.64 9.84 6.04
N HIS B 188 -20.93 10.43 7.20
CA HIS B 188 -19.91 10.81 8.16
C HIS B 188 -19.79 9.70 9.20
N VAL B 189 -18.62 9.07 9.28
CA VAL B 189 -18.38 7.99 10.21
C VAL B 189 -17.25 8.38 11.15
N GLY B 190 -17.35 7.96 12.40
CA GLY B 190 -16.28 8.12 13.38
C GLY B 190 -15.66 6.76 13.70
N VAL B 191 -14.33 6.73 13.75
CA VAL B 191 -13.59 5.52 14.11
C VAL B 191 -12.99 5.74 15.49
N VAL B 192 -13.34 4.87 16.43
CA VAL B 192 -12.90 4.99 17.81
C VAL B 192 -11.72 4.03 18.00
N GLY B 193 -10.55 4.59 18.29
CA GLY B 193 -9.35 3.79 18.54
C GLY B 193 -8.49 3.67 17.31
N LEU B 194 -7.33 4.31 17.31
CA LEU B 194 -6.41 4.26 16.16
C LEU B 194 -5.35 3.18 16.39
N GLY B 195 -5.81 1.93 16.40
CA GLY B 195 -4.90 0.81 16.48
C GLY B 195 -4.82 0.03 15.18
N GLY B 196 -4.59 -1.28 15.26
CA GLY B 196 -4.53 -2.09 14.06
C GLY B 196 -5.86 -2.14 13.34
N LEU B 197 -6.92 -2.51 14.07
CA LEU B 197 -8.26 -2.54 13.49
C LEU B 197 -8.70 -1.15 13.05
N GLY B 198 -8.49 -0.14 13.91
CA GLY B 198 -8.98 1.20 13.61
C GLY B 198 -8.32 1.80 12.38
N HIS B 199 -7.00 1.71 12.30
CA HIS B 199 -6.30 2.32 11.17
C HIS B 199 -6.67 1.67 9.84
N LEU B 200 -7.00 0.37 9.85
CA LEU B 200 -7.51 -0.27 8.64
C LEU B 200 -8.95 0.15 8.36
N ALA B 201 -9.76 0.30 9.41
CA ALA B 201 -11.13 0.77 9.23
C ALA B 201 -11.15 2.13 8.52
N VAL B 202 -10.24 3.03 8.88
CA VAL B 202 -10.15 4.33 8.24
C VAL B 202 -9.85 4.18 6.75
N LYS B 203 -8.91 3.28 6.41
CA LYS B 203 -8.52 3.13 5.02
C LYS B 203 -9.66 2.56 4.17
N PHE B 204 -10.38 1.57 4.69
CA PHE B 204 -11.54 1.05 3.98
C PHE B 204 -12.65 2.09 3.90
N ALA B 205 -12.89 2.80 4.99
CA ALA B 205 -13.93 3.82 5.00
C ALA B 205 -13.67 4.90 3.96
N LYS B 206 -12.43 5.39 3.89
CA LYS B 206 -12.09 6.40 2.91
C LYS B 206 -12.24 5.88 1.48
N ALA B 207 -11.87 4.62 1.25
CA ALA B 207 -12.03 4.04 -0.08
C ALA B 207 -13.50 3.78 -0.41
N PHE B 208 -14.36 3.64 0.59
CA PHE B 208 -15.80 3.62 0.37
C PHE B 208 -16.35 5.00 0.03
N GLY B 209 -15.57 6.05 0.21
CA GLY B 209 -16.04 7.40 -0.03
C GLY B 209 -16.67 8.10 1.15
N LEU B 210 -16.49 7.58 2.36
CA LEU B 210 -17.07 8.21 3.54
C LEU B 210 -16.19 9.35 4.02
N LYS B 211 -16.81 10.29 4.73
CA LYS B 211 -16.08 11.25 5.56
C LYS B 211 -15.79 10.60 6.90
N VAL B 212 -14.54 10.67 7.35
CA VAL B 212 -14.08 9.89 8.49
C VAL B 212 -13.50 10.83 9.53
N THR B 213 -13.99 10.72 10.76
CA THR B 213 -13.43 11.39 11.92
C THR B 213 -12.83 10.35 12.85
N VAL B 214 -11.59 10.55 13.25
CA VAL B 214 -10.90 9.63 14.14
C VAL B 214 -11.05 10.14 15.57
N ILE B 215 -11.58 9.30 16.45
CA ILE B 215 -11.76 9.63 17.86
C ILE B 215 -10.70 8.88 18.65
N SER B 216 -9.82 9.63 19.30
CA SER B 216 -8.67 9.04 19.96
C SER B 216 -8.41 9.73 21.29
N THR B 217 -7.58 9.08 22.11
CA THR B 217 -7.08 9.65 23.35
C THR B 217 -5.57 9.81 23.30
N THR B 218 -5.00 9.94 22.11
CA THR B 218 -3.55 10.07 21.89
C THR B 218 -3.34 11.24 20.95
N PRO B 219 -3.11 12.45 21.49
CA PRO B 219 -2.98 13.62 20.61
C PRO B 219 -1.86 13.51 19.59
N SER B 220 -0.79 12.78 19.91
CA SER B 220 0.31 12.62 18.98
C SER B 220 -0.08 11.92 17.68
N LYS B 221 -1.24 11.26 17.66
CA LYS B 221 -1.67 10.50 16.49
C LYS B 221 -2.40 11.34 15.47
N LYS B 222 -2.51 12.65 15.68
CA LYS B 222 -3.31 13.49 14.79
C LYS B 222 -2.75 13.51 13.38
N ASP B 223 -1.41 13.57 13.24
CA ASP B 223 -0.82 13.71 11.91
C ASP B 223 -0.97 12.44 11.09
N ASP B 224 -0.68 11.28 11.69
CA ASP B 224 -0.90 10.01 11.01
C ASP B 224 -2.35 9.85 10.58
N ALA B 225 -3.28 10.14 11.48
CA ALA B 225 -4.70 9.97 11.17
C ALA B 225 -5.12 10.84 9.99
N ILE B 226 -4.74 12.12 10.00
CA ILE B 226 -5.22 13.04 8.99
C ILE B 226 -4.41 12.93 7.71
N ASN B 227 -3.08 12.99 7.82
CA ASN B 227 -2.24 12.99 6.63
C ASN B 227 -1.85 11.59 6.18
N GLY B 228 -1.52 10.70 7.12
CA GLY B 228 -1.10 9.37 6.75
C GLY B 228 -2.22 8.42 6.37
N LEU B 229 -3.38 8.54 7.04
CA LEU B 229 -4.48 7.62 6.82
C LEU B 229 -5.63 8.23 6.03
N GLY B 230 -5.66 9.55 5.86
CA GLY B 230 -6.68 10.18 5.07
C GLY B 230 -7.93 10.62 5.82
N ALA B 231 -7.93 10.56 7.15
CA ALA B 231 -9.09 10.98 7.90
C ALA B 231 -9.36 12.47 7.67
N ASP B 232 -10.64 12.83 7.69
CA ASP B 232 -11.04 14.21 7.48
C ASP B 232 -11.02 15.03 8.77
N GLY B 233 -11.00 14.37 9.92
CA GLY B 233 -10.94 15.07 11.19
C GLY B 233 -10.42 14.17 12.28
N PHE B 234 -9.96 14.81 13.36
CA PHE B 234 -9.38 14.12 14.50
C PHE B 234 -10.01 14.69 15.76
N LEU B 235 -10.75 13.86 16.48
CA LEU B 235 -11.48 14.29 17.67
C LEU B 235 -10.83 13.66 18.90
N LEU B 236 -10.45 14.50 19.86
CA LEU B 236 -9.91 14.03 21.12
C LEU B 236 -11.05 13.68 22.06
N SER B 237 -11.16 12.39 22.41
CA SER B 237 -12.24 11.94 23.29
C SER B 237 -12.26 12.73 24.61
N ARG B 238 -11.09 13.10 25.11
CA ARG B 238 -10.97 13.74 26.41
C ARG B 238 -11.08 15.26 26.36
N ASP B 239 -11.53 15.82 25.24
CA ASP B 239 -11.73 17.26 25.08
C ASP B 239 -13.24 17.52 25.10
N ASP B 240 -13.76 17.86 26.28
CA ASP B 240 -15.19 18.09 26.44
C ASP B 240 -15.70 19.16 25.48
N GLU B 241 -14.85 20.11 25.09
CA GLU B 241 -15.27 21.12 24.12
C GLU B 241 -15.49 20.49 22.74
N GLN B 242 -14.52 19.71 22.27
CA GLN B 242 -14.67 19.01 21.00
C GLN B 242 -15.81 18.01 21.03
N MET B 243 -15.90 17.22 22.11
CA MET B 243 -16.96 16.22 22.22
C MET B 243 -18.34 16.85 22.14
N LYS B 244 -18.60 17.87 22.97
CA LYS B 244 -19.89 18.54 22.96
C LYS B 244 -20.16 19.25 21.64
N ALA B 245 -19.11 19.69 20.94
CA ALA B 245 -19.31 20.32 19.65
C ALA B 245 -19.70 19.33 18.56
N ALA B 246 -19.35 18.06 18.71
CA ALA B 246 -19.64 17.04 17.72
C ALA B 246 -20.93 16.29 17.97
N ILE B 247 -21.72 16.67 18.98
CA ILE B 247 -22.96 15.97 19.29
C ILE B 247 -23.85 15.89 18.06
N GLY B 248 -24.37 14.69 17.79
CA GLY B 248 -25.33 14.50 16.72
C GLY B 248 -24.80 14.74 15.32
N THR B 249 -23.48 14.68 15.13
CA THR B 249 -22.90 14.92 13.81
C THR B 249 -22.62 13.66 13.00
N LEU B 250 -22.51 12.50 13.64
CA LEU B 250 -22.03 11.29 12.98
C LEU B 250 -23.19 10.41 12.52
N ASP B 251 -23.11 9.94 11.28
CA ASP B 251 -24.04 8.93 10.80
C ASP B 251 -23.79 7.57 11.45
N ALA B 252 -22.52 7.24 11.67
CA ALA B 252 -22.17 5.95 12.23
C ALA B 252 -20.88 6.07 13.03
N ILE B 253 -20.71 5.16 13.98
CA ILE B 253 -19.50 5.05 14.78
C ILE B 253 -18.95 3.64 14.65
N ILE B 254 -17.63 3.53 14.49
CA ILE B 254 -16.95 2.25 14.42
C ILE B 254 -16.05 2.17 15.65
N ASP B 255 -16.47 1.40 16.65
CA ASP B 255 -15.73 1.28 17.90
C ASP B 255 -14.80 0.07 17.79
N THR B 256 -13.51 0.33 17.75
CA THR B 256 -12.51 -0.71 17.62
C THR B 256 -11.77 -1.00 18.92
N LEU B 257 -12.12 -0.34 20.02
CA LEU B 257 -11.35 -0.50 21.23
C LEU B 257 -11.61 -1.87 21.86
N ALA B 258 -10.58 -2.43 22.48
CA ALA B 258 -10.68 -3.72 23.15
C ALA B 258 -10.60 -3.62 24.66
N VAL B 259 -10.48 -2.41 25.21
CA VAL B 259 -10.54 -2.21 26.64
C VAL B 259 -11.91 -1.66 27.01
N VAL B 260 -12.23 -1.71 28.30
CA VAL B 260 -13.52 -1.19 28.75
C VAL B 260 -13.48 0.33 28.68
N HIS B 261 -14.58 0.92 28.23
CA HIS B 261 -14.65 2.35 28.03
C HIS B 261 -16.10 2.76 28.03
N PRO B 262 -16.39 4.06 28.19
CA PRO B 262 -17.79 4.49 28.17
C PRO B 262 -18.29 4.76 26.76
N ILE B 263 -19.47 4.25 26.43
CA ILE B 263 -20.03 4.43 25.09
C ILE B 263 -21.09 5.52 25.05
N ALA B 264 -21.57 5.99 26.20
CA ALA B 264 -22.58 7.06 26.20
C ALA B 264 -22.10 8.33 25.51
N PRO B 265 -20.90 8.86 25.78
CA PRO B 265 -20.46 10.05 25.02
C PRO B 265 -20.31 9.78 23.54
N LEU B 266 -19.97 8.56 23.16
CA LEU B 266 -19.87 8.23 21.74
C LEU B 266 -21.26 8.17 21.10
N LEU B 267 -22.20 7.51 21.77
CA LEU B 267 -23.58 7.48 21.30
C LEU B 267 -24.11 8.89 21.05
N ASP B 268 -23.71 9.84 21.90
CA ASP B 268 -24.18 11.22 21.75
C ASP B 268 -23.63 11.90 20.50
N LEU B 269 -22.54 11.38 19.94
CA LEU B 269 -22.03 11.90 18.69
C LEU B 269 -22.83 11.44 17.48
N LEU B 270 -23.73 10.47 17.66
CA LEU B 270 -24.50 9.91 16.57
C LEU B 270 -25.75 10.74 16.29
N ARG B 271 -26.05 10.91 15.01
CA ARG B 271 -27.33 11.48 14.62
C ARG B 271 -28.46 10.54 15.02
N SER B 272 -29.69 11.03 14.89
CA SER B 272 -30.84 10.20 15.19
C SER B 272 -30.88 9.03 14.22
N GLN B 273 -31.09 7.83 14.75
CA GLN B 273 -31.08 6.57 14.01
C GLN B 273 -29.66 6.15 13.60
N GLY B 274 -28.64 6.71 14.25
CA GLY B 274 -27.27 6.34 13.92
C GLY B 274 -26.91 4.96 14.41
N LYS B 275 -25.85 4.41 13.81
CA LYS B 275 -25.42 3.05 14.07
C LYS B 275 -24.08 3.06 14.79
N PHE B 276 -24.00 2.29 15.88
CA PHE B 276 -22.78 2.10 16.66
C PHE B 276 -22.27 0.69 16.37
N LEU B 277 -21.21 0.58 15.58
CA LEU B 277 -20.66 -0.72 15.23
C LEU B 277 -19.62 -1.11 16.27
N LEU B 278 -19.90 -2.17 17.02
CA LEU B 278 -19.00 -2.68 18.04
C LEU B 278 -18.12 -3.73 17.39
N LEU B 279 -16.83 -3.42 17.22
CA LEU B 279 -15.90 -4.34 16.58
C LEU B 279 -14.85 -4.91 17.53
N GLY B 280 -14.47 -4.16 18.57
CA GLY B 280 -13.53 -4.69 19.54
C GLY B 280 -14.18 -5.62 20.54
N ALA B 281 -13.38 -6.53 21.10
CA ALA B 281 -13.89 -7.51 22.05
C ALA B 281 -13.27 -7.28 23.43
N PRO B 282 -13.83 -6.40 24.25
CA PRO B 282 -13.30 -6.19 25.60
C PRO B 282 -13.47 -7.44 26.45
N SER B 283 -12.55 -7.63 27.40
CA SER B 283 -12.64 -8.77 28.30
C SER B 283 -13.80 -8.62 29.27
N GLN B 284 -13.91 -7.46 29.91
CA GLN B 284 -15.08 -7.16 30.73
C GLN B 284 -16.26 -6.77 29.84
N SER B 285 -17.41 -6.55 30.47
CA SER B 285 -18.61 -6.14 29.78
C SER B 285 -18.77 -4.62 29.80
N LEU B 286 -19.60 -4.12 28.89
CA LEU B 286 -19.77 -2.69 28.71
C LEU B 286 -21.07 -2.22 29.34
N GLU B 287 -21.13 -0.92 29.62
CA GLU B 287 -22.25 -0.31 30.32
C GLU B 287 -23.14 0.38 29.29
N LEU B 288 -24.25 -0.29 28.91
CA LEU B 288 -25.22 0.29 28.00
C LEU B 288 -26.07 1.33 28.70
N PRO B 289 -25.95 2.61 28.36
CA PRO B 289 -26.85 3.62 28.88
C PRO B 289 -28.16 3.61 28.13
N PRO B 290 -29.25 3.19 28.77
CA PRO B 290 -30.53 3.05 28.03
C PRO B 290 -31.06 4.34 27.46
N ILE B 291 -30.94 5.45 28.19
CA ILE B 291 -31.50 6.74 27.78
C ILE B 291 -30.92 7.20 26.44
N PRO B 292 -29.59 7.35 26.28
CA PRO B 292 -29.08 7.85 24.99
C PRO B 292 -29.45 6.97 23.81
N LEU B 293 -29.59 5.67 24.02
CA LEU B 293 -29.89 4.75 22.92
C LEU B 293 -31.36 4.85 22.53
N LEU B 294 -32.24 4.57 23.49
CA LEU B 294 -33.69 4.58 23.24
C LEU B 294 -34.16 5.92 22.66
N SER B 295 -33.79 7.03 23.31
CA SER B 295 -34.28 8.33 22.86
C SER B 295 -33.76 8.69 21.47
N GLY B 296 -32.63 8.13 21.06
CA GLY B 296 -32.06 8.45 19.76
C GLY B 296 -32.49 7.56 18.62
N GLY B 297 -33.17 6.45 18.90
CA GLY B 297 -33.45 5.48 17.86
C GLY B 297 -32.19 4.83 17.32
N LYS B 298 -31.14 4.77 18.13
CA LYS B 298 -29.82 4.31 17.76
C LYS B 298 -29.67 2.82 18.04
N SER B 299 -28.70 2.21 17.37
CA SER B 299 -28.49 0.77 17.48
C SER B 299 -27.01 0.45 17.65
N ILE B 300 -26.75 -0.59 18.46
CA ILE B 300 -25.42 -1.17 18.61
C ILE B 300 -25.38 -2.48 17.82
N ILE B 301 -24.45 -2.61 16.88
CA ILE B 301 -24.42 -3.71 15.92
C ILE B 301 -23.15 -4.53 16.09
N GLY B 302 -23.32 -5.85 16.26
CA GLY B 302 -22.19 -6.75 16.29
C GLY B 302 -21.57 -6.97 14.92
N SER B 303 -20.34 -7.49 14.92
CA SER B 303 -19.49 -7.51 13.73
C SER B 303 -19.71 -8.71 12.81
N ALA B 304 -19.62 -9.93 13.35
CA ALA B 304 -19.79 -11.18 12.57
C ALA B 304 -18.90 -11.20 11.33
N ALA B 305 -17.60 -10.94 11.54
CA ALA B 305 -16.60 -10.78 10.48
C ALA B 305 -16.09 -12.14 9.97
N GLY B 306 -16.90 -12.78 9.15
CA GLY B 306 -16.64 -14.14 8.67
C GLY B 306 -16.79 -14.23 7.16
N ASN B 307 -17.45 -15.30 6.71
CA ASN B 307 -17.93 -15.40 5.33
C ASN B 307 -16.80 -15.33 4.29
N VAL B 308 -15.98 -16.38 4.28
CA VAL B 308 -14.78 -16.48 3.46
C VAL B 308 -15.03 -15.95 2.05
N LYS B 309 -16.25 -16.14 1.53
CA LYS B 309 -16.62 -15.49 0.27
C LYS B 309 -16.48 -13.97 0.38
N GLN B 310 -16.96 -13.39 1.49
CA GLN B 310 -16.75 -11.96 1.75
C GLN B 310 -15.27 -11.63 1.87
N THR B 311 -14.49 -12.52 2.51
CA THR B 311 -13.06 -12.28 2.68
C THR B 311 -12.35 -12.14 1.33
N GLN B 312 -12.67 -13.01 0.37
CA GLN B 312 -12.08 -12.88 -0.95
C GLN B 312 -12.53 -11.58 -1.62
N GLU B 313 -13.79 -11.21 -1.44
CA GLU B 313 -14.27 -9.92 -1.92
C GLU B 313 -13.46 -8.79 -1.29
N MET B 314 -13.20 -8.86 0.01
CA MET B 314 -12.36 -7.85 0.66
C MET B 314 -10.96 -7.83 0.08
N LEU B 315 -10.36 -9.01 -0.12
CA LEU B 315 -9.00 -9.07 -0.65
C LEU B 315 -8.91 -8.46 -2.04
N ASP B 316 -9.89 -8.76 -2.91
CA ASP B 316 -9.87 -8.18 -4.24
C ASP B 316 -10.15 -6.68 -4.19
N PHE B 317 -11.05 -6.26 -3.30
CA PHE B 317 -11.26 -4.83 -3.08
C PHE B 317 -9.98 -4.15 -2.63
N ALA B 318 -9.31 -4.72 -1.62
CA ALA B 318 -8.06 -4.14 -1.14
C ALA B 318 -7.01 -4.08 -2.24
N ALA B 319 -7.01 -5.05 -3.16
CA ALA B 319 -6.05 -5.02 -4.25
C ALA B 319 -6.35 -3.88 -5.22
N GLU B 320 -7.62 -3.67 -5.56
CA GLU B 320 -7.98 -2.63 -6.50
C GLU B 320 -7.65 -1.24 -5.96
N HIS B 321 -7.88 -1.02 -4.66
CA HIS B 321 -7.67 0.28 -4.04
C HIS B 321 -6.33 0.39 -3.33
N ASP B 322 -5.45 -0.60 -3.48
CA ASP B 322 -4.11 -0.58 -2.92
C ASP B 322 -4.14 -0.32 -1.41
N ILE B 323 -4.95 -1.11 -0.71
CA ILE B 323 -5.11 -1.00 0.74
C ILE B 323 -4.29 -2.09 1.41
N THR B 324 -3.30 -1.69 2.21
CA THR B 324 -2.60 -2.59 3.10
C THR B 324 -2.49 -1.95 4.48
N ALA B 325 -2.09 -2.74 5.46
CA ALA B 325 -1.83 -2.24 6.80
C ALA B 325 -0.46 -1.60 6.91
N ASN B 326 -0.33 -0.64 7.83
CA ASN B 326 0.96 -0.14 8.25
C ASN B 326 1.54 -1.11 9.27
N VAL B 327 2.63 -1.80 8.91
CA VAL B 327 3.08 -2.95 9.67
C VAL B 327 4.51 -2.72 10.15
N GLU B 328 4.84 -3.40 11.25
CA GLU B 328 6.20 -3.47 11.77
C GLU B 328 6.63 -4.93 11.71
N ILE B 329 7.54 -5.24 10.81
CA ILE B 329 7.97 -6.62 10.60
C ILE B 329 8.98 -6.99 11.68
N ILE B 330 8.73 -8.08 12.38
CA ILE B 330 9.55 -8.46 13.53
C ILE B 330 9.97 -9.92 13.41
N PRO B 331 11.10 -10.30 14.00
CA PRO B 331 11.45 -11.72 14.09
C PRO B 331 10.70 -12.42 15.21
N ILE B 332 10.52 -13.73 15.02
CA ILE B 332 9.73 -14.54 15.96
C ILE B 332 10.31 -14.47 17.36
N GLU B 333 11.64 -14.39 17.47
CA GLU B 333 12.27 -14.34 18.79
C GLU B 333 11.98 -13.03 19.52
N TYR B 334 11.38 -12.06 18.83
CA TYR B 334 10.93 -10.80 19.43
C TYR B 334 9.49 -10.85 19.91
N ILE B 335 8.82 -12.01 19.79
CA ILE B 335 7.37 -12.06 19.91
C ILE B 335 6.90 -11.67 21.31
N ASN B 336 7.64 -12.08 22.35
CA ASN B 336 7.20 -11.76 23.71
C ASN B 336 7.32 -10.27 23.99
N THR B 337 8.40 -9.64 23.50
CA THR B 337 8.53 -8.20 23.63
C THR B 337 7.46 -7.46 22.83
N ALA B 338 7.12 -7.98 21.65
CA ALA B 338 6.07 -7.36 20.85
C ALA B 338 4.72 -7.45 21.56
N MET B 339 4.44 -8.58 22.22
CA MET B 339 3.19 -8.73 22.95
C MET B 339 3.05 -7.66 24.02
N GLU B 340 4.13 -7.39 24.76
CA GLU B 340 4.04 -6.40 25.84
C GLU B 340 3.99 -4.98 25.28
N ARG B 341 4.67 -4.73 24.17
CA ARG B 341 4.45 -3.48 23.44
C ARG B 341 3.01 -3.36 22.97
N LEU B 342 2.45 -4.45 22.45
CA LEU B 342 1.09 -4.43 21.92
C LEU B 342 0.08 -4.13 23.02
N ASP B 343 0.27 -4.70 24.21
CA ASP B 343 -0.65 -4.45 25.32
C ASP B 343 -0.77 -2.97 25.64
N LYS B 344 0.29 -2.19 25.38
CA LYS B 344 0.26 -0.76 25.57
C LYS B 344 -0.03 0.00 24.28
N GLY B 345 -0.35 -0.70 23.20
CA GLY B 345 -0.58 -0.02 21.95
C GLY B 345 0.65 0.60 21.31
N ASP B 346 1.84 0.14 21.70
CA ASP B 346 3.09 0.72 21.19
C ASP B 346 3.49 0.04 19.89
N VAL B 347 2.66 0.25 18.88
CA VAL B 347 2.98 -0.16 17.51
C VAL B 347 2.19 0.72 16.56
N ARG B 348 2.79 1.01 15.40
CA ARG B 348 2.16 1.80 14.33
C ARG B 348 2.19 1.00 13.02
N TYR B 349 1.19 0.17 12.77
CA TYR B 349 0.02 -0.03 13.62
C TYR B 349 -0.24 -1.52 13.83
N ARG B 350 0.63 -2.36 13.24
CA ARG B 350 0.46 -3.80 13.32
C ARG B 350 1.82 -4.48 13.33
N PHE B 351 1.99 -5.44 14.24
CA PHE B 351 3.13 -6.34 14.19
C PHE B 351 2.85 -7.47 13.21
N VAL B 352 3.83 -7.78 12.36
CA VAL B 352 3.78 -8.93 11.47
C VAL B 352 5.07 -9.71 11.62
N VAL B 353 4.96 -10.99 11.94
CA VAL B 353 6.14 -11.83 12.15
C VAL B 353 6.64 -12.36 10.81
N ASP B 354 7.93 -12.18 10.54
CA ASP B 354 8.57 -12.74 9.35
C ASP B 354 8.91 -14.19 9.68
N ILE B 355 7.93 -15.07 9.50
CA ILE B 355 8.15 -16.47 9.83
C ILE B 355 9.07 -17.14 8.83
N GLU B 356 8.96 -16.76 7.56
CA GLU B 356 9.77 -17.38 6.52
C GLU B 356 11.26 -17.36 6.85
N ASN B 357 11.79 -16.19 7.24
CA ASN B 357 13.21 -15.97 7.33
C ASN B 357 13.74 -16.03 8.76
N THR B 358 12.86 -16.26 9.74
CA THR B 358 13.25 -16.04 11.12
C THR B 358 12.95 -17.22 12.05
N LEU B 359 11.96 -18.04 11.69
CA LEU B 359 11.60 -19.20 12.50
C LEU B 359 12.57 -20.36 12.27
N THR B 360 13.31 -20.73 13.32
CA THR B 360 14.15 -21.92 13.35
C THR B 360 13.58 -22.94 14.33
N PRO B 361 13.82 -24.24 14.13
CA PRO B 361 13.27 -25.25 15.05
C PRO B 361 13.95 -25.18 16.40
N PRO B 362 13.28 -25.64 17.47
CA PRO B 362 13.92 -25.67 18.80
C PRO B 362 15.26 -26.40 18.77
N SER B 363 16.35 -25.68 19.05
CA SER B 363 17.73 -26.19 18.94
C SER B 363 17.94 -27.09 17.73
N GLU B 364 17.26 -28.23 17.70
CA GLU B 364 17.28 -29.14 16.56
C GLU B 364 17.00 -28.42 15.24
#